data_8UTA
#
_entry.id   8UTA
#
_cell.length_a   63.873
_cell.length_b   75.138
_cell.length_c   95.727
_cell.angle_alpha   87.250
_cell.angle_beta   87.990
_cell.angle_gamma   87.720
#
_symmetry.space_group_name_H-M   'P 1'
#
loop_
_entity.id
_entity.type
_entity.pdbx_description
1 polymer 'yjdF RNA (R. gauvreauii)'
2 polymer 'Fab BL3-6 S97N heavy chain'
3 polymer 'Fab BL3-6 S97N light chain'
4 non-polymer 'MAGNESIUM ION'
5 non-polymer PROFLAVIN
#
loop_
_entity_poly.entity_id
_entity_poly.type
_entity_poly.pdbx_seq_one_letter_code
_entity_poly.pdbx_strand_id
1 'polyribonucleotide'
;GGACAAAGAUAAAAACACAACGUAUGGCGAAACACGUCAUACAGAUCCGGUAGGUAGUCCGGACAUAAACAGCGGUAUAA
AGCGCUGUUUAUAAGUAACCUUCCUCCUUAGGUCGUCCAUUCUUUGUC
;
N,R
2 'polypeptide(L)'
;EISEVQLVESGGGLVQPGGSLRLSCAASGFYISYSSIHWVRQAPGKGLEWVASISPYSGSTYYADSVKGRFTISADTSKN
TAYLQMNSLRAEDTAVYYCARQGYRRRSGRGFDYWGQGTLVTVSSASTKGPSVFPLAPSSKSTSGGTAALGCLVKDYFPE
PVTVSWNSGALTSGVHTFPAVLQSSGLYSLSSVVTVPSSSLGTQTYICNVNHKPSNTKVDKKVEPKSCDKTHT
;
A,H
3 'polypeptide(L)'
;SDIQMTQSPSSLSASVGDRVTITCRASQSVSSAVAWYQQKPGKAPKLLIYSASSLYSGVPSRFSGSRSGTDFTLTISSLQ
PEDFATYYCQQSYSFPNTFGQGTKVEIKRTVAAPSVFIFPPSDEQLKSGTASVVCLLNNFYPREAKVQWKVDNALQSGNS
QESVTEQDSKDSTYSLSSTLTLSKADYEKHKVYACEVTHQGLSSPVTKSFNRGEC
;
B,L
#
loop_
_chem_comp.id
_chem_comp.type
_chem_comp.name
_chem_comp.formula
A RNA linking ADENOSINE-5'-MONOPHOSPHATE 'C10 H14 N5 O7 P'
C RNA linking CYTIDINE-5'-MONOPHOSPHATE 'C9 H14 N3 O8 P'
G RNA linking GUANOSINE-5'-MONOPHOSPHATE 'C10 H14 N5 O8 P'
MG non-polymer 'MAGNESIUM ION' 'Mg 2'
PRL non-polymer PROFLAVIN 'C13 H11 N3'
U RNA linking URIDINE-5'-MONOPHOSPHATE 'C9 H13 N2 O9 P'
#
# COMPACT_ATOMS: atom_id res chain seq x y z
N GLU C 4 3.48 1.12 7.77
CA GLU C 4 4.55 2.11 7.81
C GLU C 4 4.43 2.96 9.07
N VAL C 5 3.22 3.46 9.34
CA VAL C 5 2.96 4.23 10.53
C VAL C 5 2.58 3.28 11.66
N GLN C 6 3.21 3.45 12.82
CA GLN C 6 2.96 2.59 13.96
C GLN C 6 3.02 3.38 15.26
N LEU C 7 2.15 3.04 16.19
CA LEU C 7 2.22 3.55 17.56
C LEU C 7 2.28 2.39 18.52
N VAL C 8 3.28 2.39 19.40
CA VAL C 8 3.43 1.35 20.41
C VAL C 8 3.32 1.98 21.78
N GLU C 9 2.38 1.49 22.58
CA GLU C 9 2.27 1.89 23.98
C GLU C 9 3.08 0.96 24.87
N SER C 10 3.60 1.52 25.97
CA SER C 10 4.28 0.74 26.99
C SER C 10 4.19 1.49 28.30
N GLY C 11 4.55 0.81 29.38
CA GLY C 11 4.56 1.41 30.69
C GLY C 11 3.36 1.08 31.54
N GLY C 12 2.43 0.26 31.03
CA GLY C 12 1.28 -0.16 31.81
C GLY C 12 1.65 -1.24 32.81
N GLY C 13 0.67 -1.64 33.61
CA GLY C 13 0.90 -2.65 34.61
C GLY C 13 -0.07 -2.49 35.77
N LEU C 14 0.33 -3.06 36.90
CA LEU C 14 -0.45 -3.05 38.14
C LEU C 14 0.12 -1.97 39.05
N VAL C 15 -0.74 -1.06 39.48
CA VAL C 15 -0.35 0.03 40.36
C VAL C 15 -1.25 0.08 41.59
N GLN C 16 -0.66 0.36 42.75
CA GLN C 16 -1.43 0.46 43.97
C GLN C 16 -2.27 1.74 43.94
N PRO C 17 -3.44 1.73 44.59
CA PRO C 17 -4.26 2.94 44.61
C PRO C 17 -3.52 4.10 45.28
N GLY C 18 -3.68 5.29 44.72
CA GLY C 18 -2.90 6.44 45.11
C GLY C 18 -1.53 6.51 44.49
N GLY C 19 -1.16 5.55 43.64
CA GLY C 19 0.13 5.54 43.00
C GLY C 19 0.14 6.19 41.64
N SER C 20 1.34 6.36 41.12
CA SER C 20 1.59 7.02 39.85
C SER C 20 2.12 6.02 38.83
N LEU C 21 1.75 6.24 37.56
CA LEU C 21 2.29 5.46 36.45
C LEU C 21 2.50 6.41 35.27
N ARG C 22 3.47 6.08 34.42
CA ARG C 22 3.71 6.90 33.23
C ARG C 22 3.77 6.00 32.01
N LEU C 23 2.88 6.24 31.06
CA LEU C 23 2.80 5.50 29.81
C LEU C 23 3.49 6.26 28.70
N SER C 24 4.11 5.50 27.80
CA SER C 24 4.77 6.07 26.65
C SER C 24 4.16 5.50 25.38
N CYS C 25 4.06 6.35 24.37
CA CYS C 25 3.53 6.02 23.05
C CYS C 25 4.63 6.38 22.06
N ALA C 26 5.38 5.38 21.63
CA ALA C 26 6.48 5.57 20.70
C ALA C 26 5.94 5.47 19.27
N ALA C 27 6.32 6.43 18.45
CA ALA C 27 5.82 6.56 17.10
C ALA C 27 6.87 6.12 16.08
N SER C 28 6.38 5.57 14.97
CA SER C 28 7.23 5.18 13.85
C SER C 28 6.53 5.58 12.57
N GLY C 29 7.31 5.97 11.57
CA GLY C 29 6.77 6.32 10.28
C GLY C 29 6.27 7.73 10.15
N PHE C 30 6.31 8.51 11.24
CA PHE C 30 5.90 9.90 11.20
C PHE C 30 6.51 10.61 12.41
N TYR C 31 6.55 11.94 12.30
CA TYR C 31 7.08 12.82 13.34
C TYR C 31 5.91 13.38 14.13
N ILE C 32 5.92 13.21 15.46
CA ILE C 32 4.78 13.63 16.26
C ILE C 32 4.58 15.13 16.23
N SER C 33 5.58 15.89 15.79
CA SER C 33 5.42 17.32 15.80
C SER C 33 4.42 17.78 14.75
N TYR C 34 4.14 16.94 13.74
CA TYR C 34 3.24 17.32 12.67
C TYR C 34 1.85 16.75 12.85
N SER C 35 1.51 16.25 14.03
CA SER C 35 0.21 15.63 14.20
C SER C 35 -0.30 15.94 15.60
N SER C 36 -1.61 15.77 15.79
CA SER C 36 -2.19 15.79 17.11
C SER C 36 -2.19 14.37 17.67
N ILE C 37 -1.86 14.24 18.96
CA ILE C 37 -1.75 12.93 19.59
C ILE C 37 -2.77 12.86 20.72
N HIS C 38 -3.50 11.75 20.80
CA HIS C 38 -4.57 11.59 21.77
C HIS C 38 -4.35 10.33 22.59
N TRP C 39 -4.83 10.34 23.83
CA TRP C 39 -4.90 9.16 24.67
C TRP C 39 -6.37 8.88 24.97
N VAL C 40 -6.79 7.64 24.71
CA VAL C 40 -8.16 7.20 24.96
C VAL C 40 -8.13 5.92 25.78
N ARG C 41 -8.96 5.83 26.81
CA ARG C 41 -8.95 4.63 27.64
C ARG C 41 -10.26 3.88 27.47
N GLN C 42 -10.18 2.56 27.60
CA GLN C 42 -11.36 1.68 27.56
C GLN C 42 -11.27 0.70 28.72
N ALA C 43 -12.17 0.86 29.69
CA ALA C 43 -12.25 -0.10 30.77
C ALA C 43 -12.83 -1.41 30.25
N PRO C 44 -12.40 -2.54 30.81
CA PRO C 44 -12.88 -3.84 30.32
C PRO C 44 -14.40 -3.93 30.33
N GLY C 45 -14.96 -4.32 29.18
CA GLY C 45 -16.40 -4.43 29.05
C GLY C 45 -17.13 -3.14 28.79
N LYS C 46 -16.42 -2.05 28.55
CA LYS C 46 -17.01 -0.72 28.39
C LYS C 46 -16.48 -0.09 27.11
N GLY C 47 -17.00 1.10 26.80
CA GLY C 47 -16.66 1.81 25.60
C GLY C 47 -15.46 2.73 25.74
N LEU C 48 -15.14 3.41 24.63
CA LEU C 48 -14.01 4.33 24.58
C LEU C 48 -14.33 5.57 25.40
N GLU C 49 -13.33 6.10 26.08
CA GLU C 49 -13.44 7.35 26.82
C GLU C 49 -12.22 8.20 26.46
N TRP C 50 -12.45 9.39 25.90
CA TRP C 50 -11.34 10.28 25.57
C TRP C 50 -10.68 10.79 26.85
N VAL C 51 -9.35 10.77 26.87
CA VAL C 51 -8.57 11.08 28.07
C VAL C 51 -7.78 12.37 27.90
N ALA C 52 -7.04 12.50 26.81
CA ALA C 52 -6.20 13.69 26.67
C ALA C 52 -5.77 13.90 25.22
N SER C 53 -5.34 15.13 24.92
CA SER C 53 -4.90 15.51 23.59
C SER C 53 -3.78 16.53 23.66
N ILE C 54 -2.80 16.38 22.78
CA ILE C 54 -1.78 17.39 22.55
C ILE C 54 -1.80 17.81 21.08
N SER C 55 -1.86 19.19 20.83
CA SER C 55 -1.91 19.83 19.54
C SER C 55 -0.51 20.01 18.98
N PRO C 56 -0.40 20.05 17.65
CA PRO C 56 0.93 20.28 17.06
C PRO C 56 1.24 21.76 16.91
N TYR C 57 2.53 22.05 17.10
CA TYR C 57 3.16 23.33 16.88
C TYR C 57 2.83 24.34 17.98
N SER C 58 1.98 23.99 18.95
CA SER C 58 1.71 24.90 20.05
C SER C 58 1.96 24.18 21.37
N GLY C 59 1.74 22.88 21.37
CA GLY C 59 1.86 22.08 22.57
C GLY C 59 0.65 22.14 23.46
N SER C 60 -0.43 22.78 23.01
CA SER C 60 -1.64 22.97 23.80
C SER C 60 -2.17 21.63 24.29
N THR C 61 -2.32 21.51 25.61
CA THR C 61 -2.76 20.24 26.24
C THR C 61 -4.22 20.37 26.68
N TYR C 62 -5.06 19.44 26.25
CA TYR C 62 -6.50 19.42 26.64
C TYR C 62 -6.72 18.12 27.41
N TYR C 63 -7.62 18.13 28.40
CA TYR C 63 -7.88 16.92 29.22
C TYR C 63 -9.34 16.80 29.55
N ALA C 64 -9.79 15.60 29.94
CA ALA C 64 -11.19 15.35 30.32
C ALA C 64 -11.35 15.62 31.81
N ASP C 65 -12.52 16.02 32.26
CA ASP C 65 -12.75 16.39 33.67
C ASP C 65 -12.43 15.18 34.56
N SER C 66 -12.75 13.97 34.10
CA SER C 66 -12.54 12.73 34.88
C SER C 66 -11.07 12.61 35.27
N VAL C 67 -10.15 12.94 34.37
CA VAL C 67 -8.69 12.79 34.59
C VAL C 67 -8.05 14.16 34.76
N LYS C 68 -8.85 15.21 34.91
CA LYS C 68 -8.32 16.60 34.95
C LYS C 68 -7.56 16.83 36.25
N GLY C 69 -6.30 17.28 36.17
CA GLY C 69 -5.50 17.62 37.35
C GLY C 69 -4.66 16.48 37.85
N ARG C 70 -4.90 15.26 37.37
CA ARG C 70 -4.15 14.05 37.82
C ARG C 70 -3.29 13.52 36.68
N PHE C 71 -3.74 13.64 35.43
CA PHE C 71 -3.03 13.09 34.25
C PHE C 71 -2.47 14.23 33.41
N THR C 72 -1.23 14.12 32.92
CA THR C 72 -0.56 15.14 32.07
C THR C 72 -0.09 14.49 30.76
N ILE C 73 -0.31 15.13 29.61
CA ILE C 73 0.13 14.61 28.28
C ILE C 73 1.32 15.44 27.83
N SER C 74 2.42 14.82 27.45
CA SER C 74 3.67 15.51 27.02
C SER C 74 4.24 14.82 25.78
N ALA C 75 5.14 15.49 25.06
CA ALA C 75 5.80 14.92 23.86
C ALA C 75 7.31 15.17 23.91
N ASP C 76 8.13 14.15 23.68
CA ASP C 76 9.60 14.30 23.58
C ASP C 76 9.93 14.14 22.10
N THR C 77 10.26 15.23 21.42
CA THR C 77 10.52 15.23 19.95
C THR C 77 11.75 14.39 19.64
N SER C 78 12.72 14.34 20.55
CA SER C 78 14.00 13.62 20.34
C SER C 78 13.73 12.14 20.10
N LYS C 79 12.78 11.54 20.81
CA LYS C 79 12.49 10.09 20.71
C LYS C 79 11.29 9.84 19.81
N ASN C 80 10.65 10.89 19.30
CA ASN C 80 9.46 10.74 18.44
C ASN C 80 8.44 10.03 19.32
N THR C 81 8.55 10.20 20.65
CA THR C 81 7.69 9.48 21.62
C THR C 81 6.90 10.47 22.48
N ALA C 82 5.63 10.19 22.74
CA ALA C 82 4.76 11.03 23.59
C ALA C 82 4.63 10.33 24.95
N TYR C 83 4.06 10.98 25.95
CA TYR C 83 3.96 10.38 27.31
C TYR C 83 2.68 10.83 27.98
N LEU C 84 2.13 10.01 28.87
CA LEU C 84 0.92 10.37 29.67
C LEU C 84 1.23 10.07 31.14
N GLN C 85 1.60 11.09 31.91
CA GLN C 85 1.97 10.91 33.35
C GLN C 85 0.67 10.87 34.14
N MET C 86 0.43 9.79 34.87
CA MET C 86 -0.83 9.60 35.64
C MET C 86 -0.49 9.65 37.11
N ASN C 87 -1.26 10.39 37.91
CA ASN C 87 -1.02 10.54 39.37
C ASN C 87 -2.34 10.32 40.09
N SER C 88 -2.31 9.98 41.38
CA SER C 88 -3.54 9.72 42.18
C SER C 88 -4.41 8.76 41.39
N LEU C 89 -3.83 7.69 40.84
CA LEU C 89 -4.57 6.70 40.02
C LEU C 89 -5.63 6.02 40.89
N ARG C 90 -6.73 5.56 40.30
CA ARG C 90 -7.85 4.94 41.04
C ARG C 90 -8.35 3.73 40.28
N ALA C 91 -9.26 2.95 40.87
CA ALA C 91 -9.85 1.76 40.22
C ALA C 91 -10.74 2.22 39.07
N GLU C 92 -11.25 3.46 39.14
CA GLU C 92 -12.13 4.02 38.09
C GLU C 92 -11.29 4.28 36.84
N ASP C 93 -9.96 4.25 36.97
CA ASP C 93 -9.03 4.55 35.85
C ASP C 93 -8.40 3.23 35.39
N THR C 94 -9.02 2.10 35.71
CA THR C 94 -8.51 0.76 35.34
C THR C 94 -9.02 0.46 33.94
N ALA C 95 -8.20 0.65 32.92
CA ALA C 95 -8.62 0.48 31.51
C ALA C 95 -7.41 0.20 30.62
N VAL C 96 -7.63 -0.18 29.37
CA VAL C 96 -6.53 -0.36 28.40
C VAL C 96 -6.37 1.00 27.71
N TYR C 97 -5.26 1.69 27.98
CA TYR C 97 -5.06 3.05 27.44
C TYR C 97 -4.46 2.93 26.04
N TYR C 98 -5.09 3.56 25.06
CA TYR C 98 -4.61 3.54 23.65
C TYR C 98 -4.04 4.90 23.33
N CYS C 99 -3.21 5.02 22.31
CA CYS C 99 -2.67 6.31 21.84
C CYS C 99 -2.93 6.34 20.33
N ALA C 100 -3.61 7.37 19.82
CA ALA C 100 -4.00 7.42 18.40
C ALA C 100 -3.55 8.71 17.76
N ARG C 101 -3.33 8.72 16.46
CA ARG C 101 -2.85 9.92 15.75
C ARG C 101 -4.01 10.54 14.96
N GLN C 102 -4.37 11.78 15.26
CA GLN C 102 -5.39 12.49 14.44
C GLN C 102 -4.69 12.64 13.10
N GLY C 103 -5.32 12.18 12.01
CA GLY C 103 -4.67 12.20 10.70
C GLY C 103 -4.62 13.59 10.12
N TYR C 104 -4.18 13.72 8.87
CA TYR C 104 -4.02 15.06 8.24
C TYR C 104 -5.40 15.61 7.91
N ARG C 105 -5.58 16.91 8.05
CA ARG C 105 -6.90 17.56 7.83
C ARG C 105 -7.37 17.28 6.40
N ARG C 106 -6.48 17.37 5.43
CA ARG C 106 -6.83 17.17 4.01
C ARG C 106 -7.10 15.69 3.75
N ARG C 107 -6.56 14.79 4.57
CA ARG C 107 -6.64 13.33 4.31
C ARG C 107 -7.81 12.67 5.05
N SER C 108 -7.90 12.83 6.37
CA SER C 108 -8.91 12.13 7.19
C SER C 108 -9.59 13.08 8.17
N GLY C 109 -9.53 14.39 7.94
CA GLY C 109 -10.17 15.39 8.83
C GLY C 109 -9.63 15.28 10.24
N ARG C 110 -10.51 15.20 11.23
CA ARG C 110 -10.11 15.15 12.67
C ARG C 110 -10.22 13.71 13.17
N GLY C 111 -10.38 12.75 12.25
CA GLY C 111 -10.47 11.33 12.61
C GLY C 111 -9.12 10.78 13.00
N PHE C 112 -9.08 9.75 13.84
CA PHE C 112 -7.82 9.13 14.32
C PHE C 112 -7.48 7.99 13.35
N ASP C 113 -6.61 8.25 12.37
CA ASP C 113 -6.29 7.25 11.31
C ASP C 113 -5.55 6.05 11.90
N TYR C 114 -4.64 6.26 12.85
CA TYR C 114 -3.81 5.15 13.39
C TYR C 114 -3.96 5.06 14.89
N TRP C 115 -4.06 3.85 15.42
CA TRP C 115 -4.18 3.60 16.88
C TRP C 115 -3.08 2.63 17.29
N GLY C 116 -2.85 2.47 18.60
CA GLY C 116 -1.82 1.55 19.12
C GLY C 116 -2.45 0.27 19.64
N GLN C 117 -1.68 -0.81 19.74
CA GLN C 117 -2.19 -2.14 20.17
C GLN C 117 -2.85 -1.96 21.53
N GLY C 118 -2.33 -1.08 22.38
CA GLY C 118 -2.92 -0.79 23.69
C GLY C 118 -2.08 -1.39 24.82
N THR C 119 -1.99 -0.71 25.95
CA THR C 119 -1.27 -1.21 27.15
C THR C 119 -2.30 -1.27 28.28
N LEU C 120 -2.28 -2.34 29.07
CA LEU C 120 -3.30 -2.52 30.14
C LEU C 120 -2.80 -1.93 31.46
N VAL C 121 -3.62 -1.11 32.11
CA VAL C 121 -3.28 -0.51 33.44
C VAL C 121 -4.31 -1.01 34.44
N THR C 122 -3.89 -1.72 35.48
CA THR C 122 -4.80 -2.30 36.51
C THR C 122 -4.62 -1.54 37.82
N VAL C 123 -5.70 -1.22 38.53
CA VAL C 123 -5.61 -0.57 39.87
C VAL C 123 -6.56 -1.32 40.81
N SER C 124 -6.21 -2.55 41.22
CA SER C 124 -7.09 -3.41 42.07
C SER C 124 -6.51 -3.57 43.48
N SER C 125 -5.36 -2.97 43.77
CA SER C 125 -4.74 -3.03 45.11
C SER C 125 -4.60 -4.50 45.54
N ALA C 126 -4.27 -5.39 44.62
CA ALA C 126 -4.14 -6.84 44.90
C ALA C 126 -2.71 -7.27 44.56
N SER C 127 -2.20 -8.30 45.23
CA SER C 127 -0.82 -8.81 45.01
C SER C 127 -0.78 -9.54 43.67
N THR C 128 0.37 -9.54 43.00
CA THR C 128 0.52 -10.25 41.70
C THR C 128 0.72 -11.73 42.04
N LYS C 129 -0.29 -12.56 41.78
CA LYS C 129 -0.26 -14.00 42.13
C LYS C 129 -0.24 -14.82 40.85
N GLY C 130 0.60 -15.84 40.78
CA GLY C 130 0.69 -16.71 39.59
C GLY C 130 -0.48 -17.68 39.56
N PRO C 131 -0.96 -18.07 38.36
CA PRO C 131 -2.12 -18.95 38.26
C PRO C 131 -1.87 -20.37 38.73
N SER C 132 -2.91 -21.07 39.22
CA SER C 132 -2.82 -22.50 39.58
C SER C 132 -3.57 -23.24 38.48
N VAL C 133 -2.89 -24.09 37.71
CA VAL C 133 -3.53 -24.76 36.54
C VAL C 133 -4.11 -26.11 36.98
N PHE C 134 -5.42 -26.27 36.88
CA PHE C 134 -6.13 -27.52 37.21
C PHE C 134 -6.65 -28.10 35.90
N PRO C 135 -6.31 -29.36 35.52
CA PRO C 135 -6.72 -29.88 34.23
C PRO C 135 -8.22 -30.14 34.10
N LEU C 136 -8.80 -29.93 32.91
CA LEU C 136 -10.23 -30.27 32.66
C LEU C 136 -10.24 -31.70 32.15
N ALA C 137 -10.22 -32.69 33.05
CA ALA C 137 -10.12 -34.12 32.68
C ALA C 137 -11.23 -34.47 31.69
N PRO C 138 -10.92 -35.12 30.54
CA PRO C 138 -11.97 -35.56 29.63
C PRO C 138 -12.72 -36.68 30.35
N SER C 139 -14.01 -36.88 30.06
CA SER C 139 -14.85 -37.91 30.74
C SER C 139 -15.32 -38.96 29.74
N SER C 140 -15.12 -40.26 30.03
CA SER C 140 -15.58 -41.38 29.16
C SER C 140 -17.10 -41.42 29.21
N LYS C 141 -17.70 -40.98 30.33
CA LYS C 141 -19.17 -40.91 30.48
C LYS C 141 -19.57 -39.45 30.27
N SER C 142 -20.86 -39.16 30.07
CA SER C 142 -21.36 -37.78 29.90
C SER C 142 -20.53 -37.05 28.85
N THR C 143 -20.29 -37.68 27.69
CA THR C 143 -19.48 -37.09 26.59
C THR C 143 -20.22 -37.29 25.26
N SER C 144 -19.87 -36.50 24.23
CA SER C 144 -20.48 -36.60 22.89
C SER C 144 -19.84 -37.76 22.12
N GLY C 145 -20.46 -38.22 21.03
CA GLY C 145 -19.95 -39.34 20.23
C GLY C 145 -19.33 -38.87 18.94
N GLY C 146 -18.04 -39.17 18.72
CA GLY C 146 -17.30 -38.76 17.52
C GLY C 146 -16.50 -37.50 17.77
N THR C 147 -16.80 -36.75 18.84
CA THR C 147 -16.07 -35.51 19.22
C THR C 147 -15.86 -35.50 20.74
N ALA C 148 -14.72 -35.01 21.21
CA ALA C 148 -14.40 -34.94 22.65
C ALA C 148 -13.86 -33.54 22.98
N ALA C 149 -14.04 -33.08 24.22
CA ALA C 149 -13.60 -31.72 24.64
C ALA C 149 -12.49 -31.85 25.69
N LEU C 150 -11.32 -31.25 25.43
CA LEU C 150 -10.18 -31.26 26.38
C LEU C 150 -9.84 -29.80 26.69
N GLY C 151 -9.67 -29.45 27.97
CA GLY C 151 -9.41 -28.06 28.37
C GLY C 151 -8.50 -27.92 29.56
N CYS C 152 -8.04 -26.69 29.85
CA CYS C 152 -7.22 -26.39 31.05
C CYS C 152 -7.91 -25.24 31.79
N LEU C 153 -8.00 -25.31 33.12
CA LEU C 153 -8.61 -24.23 33.95
C LEU C 153 -7.51 -23.49 34.69
N VAL C 154 -7.35 -22.19 34.47
CA VAL C 154 -6.38 -21.36 35.22
C VAL C 154 -7.20 -20.67 36.31
N LYS C 155 -6.69 -20.61 37.54
CA LYS C 155 -7.49 -20.04 38.67
C LYS C 155 -6.59 -19.19 39.56
N ASP C 156 -7.16 -18.36 40.42
CA ASP C 156 -6.38 -17.60 41.42
C ASP C 156 -5.16 -16.93 40.76
N TYR C 157 -5.33 -16.19 39.67
CA TYR C 157 -4.18 -15.45 39.07
C TYR C 157 -4.55 -13.97 38.95
N PHE C 158 -3.71 -13.08 39.47
CA PHE C 158 -3.90 -11.61 39.36
C PHE C 158 -2.62 -11.02 38.78
N PRO C 159 -2.61 -9.85 38.09
CA PRO C 159 -3.76 -9.31 37.38
C PRO C 159 -3.94 -9.93 35.98
N GLU C 160 -4.55 -9.20 35.06
CA GLU C 160 -4.74 -9.67 33.66
C GLU C 160 -3.46 -9.42 32.89
N PRO C 161 -3.30 -9.93 31.65
CA PRO C 161 -4.00 -11.12 31.18
C PRO C 161 -3.15 -12.38 31.10
N VAL C 162 -3.73 -13.48 30.60
CA VAL C 162 -3.00 -14.77 30.42
C VAL C 162 -3.23 -15.24 28.98
N THR C 163 -2.24 -15.89 28.37
CA THR C 163 -2.31 -16.38 26.97
C THR C 163 -2.19 -17.90 26.97
N VAL C 164 -3.08 -18.62 26.28
CA VAL C 164 -3.09 -20.11 26.30
C VAL C 164 -2.96 -20.62 24.87
N SER C 165 -2.21 -21.70 24.68
CA SER C 165 -2.02 -22.33 23.35
C SER C 165 -2.23 -23.84 23.50
N TRP C 166 -2.44 -24.54 22.40
CA TRP C 166 -2.62 -26.01 22.42
C TRP C 166 -1.62 -26.60 21.43
N ASN C 167 -0.85 -27.61 21.82
CA ASN C 167 0.23 -28.15 20.95
C ASN C 167 1.13 -26.98 20.56
N SER C 168 1.43 -26.06 21.50
CA SER C 168 2.29 -24.89 21.25
C SER C 168 1.70 -24.04 20.12
N GLY C 169 0.37 -23.91 20.07
CA GLY C 169 -0.30 -23.05 19.07
C GLY C 169 -0.56 -23.77 17.77
N ALA C 170 -0.22 -25.06 17.69
CA ALA C 170 -0.39 -25.86 16.45
C ALA C 170 -1.83 -26.36 16.38
N LEU C 171 -2.55 -26.34 17.50
CA LEU C 171 -3.97 -26.78 17.56
C LEU C 171 -4.82 -25.50 17.53
N THR C 172 -5.31 -25.10 16.35
CA THR C 172 -6.05 -23.82 16.16
C THR C 172 -7.47 -24.10 15.67
N SER C 173 -7.96 -25.33 15.76
CA SER C 173 -9.35 -25.71 15.36
C SER C 173 -10.11 -26.24 16.58
N GLY C 174 -11.27 -25.67 16.89
CA GLY C 174 -12.11 -26.13 18.01
C GLY C 174 -11.63 -25.52 19.32
N VAL C 175 -10.60 -24.68 19.26
CA VAL C 175 -10.00 -24.08 20.49
C VAL C 175 -10.80 -22.83 20.83
N HIS C 176 -11.51 -22.85 21.95
CA HIS C 176 -12.31 -21.70 22.42
C HIS C 176 -11.68 -21.21 23.72
N THR C 177 -11.26 -19.95 23.78
CA THR C 177 -10.67 -19.33 24.98
C THR C 177 -11.77 -18.50 25.62
N PHE C 178 -12.07 -18.73 26.89
CA PHE C 178 -13.22 -18.06 27.55
C PHE C 178 -12.73 -16.83 28.30
N PRO C 179 -13.44 -15.68 28.18
CA PRO C 179 -12.99 -14.47 28.83
C PRO C 179 -12.86 -14.69 30.34
N ALA C 180 -11.82 -14.15 30.96
CA ALA C 180 -11.56 -14.33 32.40
C ALA C 180 -12.72 -13.74 33.20
N VAL C 181 -13.04 -14.35 34.34
CA VAL C 181 -14.13 -13.86 35.23
C VAL C 181 -13.53 -13.59 36.60
N LEU C 182 -13.82 -12.43 37.18
CA LEU C 182 -13.33 -12.09 38.53
C LEU C 182 -14.17 -12.87 39.54
N GLN C 183 -13.60 -13.24 40.68
CA GLN C 183 -14.29 -14.04 41.72
C GLN C 183 -14.27 -13.25 43.02
N SER C 184 -15.02 -13.69 44.04
CA SER C 184 -15.11 -12.98 45.34
C SER C 184 -13.70 -12.77 45.89
N SER C 185 -12.78 -13.70 45.63
CA SER C 185 -11.37 -13.61 46.10
C SER C 185 -10.73 -12.33 45.61
N GLY C 186 -11.07 -11.88 44.40
CA GLY C 186 -10.44 -10.68 43.78
C GLY C 186 -9.40 -11.14 42.79
N LEU C 187 -9.28 -12.46 42.59
CA LEU C 187 -8.34 -13.04 41.59
C LEU C 187 -9.15 -13.39 40.35
N TYR C 188 -8.50 -13.92 39.31
CA TYR C 188 -9.19 -14.22 38.02
C TYR C 188 -9.12 -15.70 37.74
N SER C 189 -10.12 -16.22 37.02
CA SER C 189 -10.15 -17.63 36.61
C SER C 189 -10.75 -17.73 35.20
N LEU C 190 -10.08 -18.39 34.25
CA LEU C 190 -10.63 -18.61 32.89
C LEU C 190 -10.34 -20.05 32.47
N SER C 191 -11.02 -20.54 31.44
CA SER C 191 -10.81 -21.91 30.91
C SER C 191 -10.67 -21.89 29.40
N SER C 192 -9.78 -22.70 28.83
CA SER C 192 -9.61 -22.84 27.36
C SER C 192 -9.91 -24.30 27.03
N VAL C 193 -10.72 -24.57 26.01
CA VAL C 193 -11.14 -25.95 25.65
C VAL C 193 -10.96 -26.14 24.15
N VAL C 194 -10.68 -27.37 23.70
CA VAL C 194 -10.50 -27.70 22.26
C VAL C 194 -11.43 -28.86 21.91
N THR C 195 -11.86 -28.97 20.66
CA THR C 195 -12.69 -30.10 20.19
C THR C 195 -11.80 -31.00 19.33
N VAL C 196 -11.48 -32.21 19.80
CA VAL C 196 -10.63 -33.18 19.05
C VAL C 196 -11.35 -34.53 19.09
N PRO C 197 -11.33 -35.34 18.00
CA PRO C 197 -12.09 -36.58 18.00
C PRO C 197 -11.73 -37.44 19.22
N SER C 198 -12.72 -38.04 19.87
CA SER C 198 -12.51 -38.92 21.06
C SER C 198 -11.60 -40.07 20.61
N SER C 199 -11.69 -40.47 19.35
CA SER C 199 -10.88 -41.57 18.78
C SER C 199 -9.39 -41.26 18.99
N SER C 200 -9.01 -39.98 19.04
CA SER C 200 -7.60 -39.55 19.17
C SER C 200 -7.29 -39.14 20.62
N LEU C 201 -8.08 -39.58 21.59
CA LEU C 201 -7.83 -39.29 23.02
C LEU C 201 -6.43 -39.80 23.36
N GLY C 202 -6.05 -40.96 22.81
CA GLY C 202 -4.73 -41.58 23.07
C GLY C 202 -3.84 -41.59 21.85
N THR C 203 -4.41 -41.58 20.63
CA THR C 203 -3.62 -41.66 19.38
C THR C 203 -2.75 -40.41 19.30
N GLN C 204 -3.30 -39.26 19.71
CA GLN C 204 -2.57 -37.97 19.71
C GLN C 204 -2.57 -37.44 21.15
N THR C 205 -1.49 -36.77 21.57
CA THR C 205 -1.38 -36.18 22.93
C THR C 205 -1.32 -34.66 22.77
N TYR C 206 -2.06 -33.92 23.59
CA TYR C 206 -2.13 -32.44 23.48
C TYR C 206 -1.76 -31.82 24.82
N ILE C 207 -1.10 -30.65 24.81
CA ILE C 207 -0.67 -29.95 26.06
C ILE C 207 -1.17 -28.51 25.99
N CYS C 208 -1.54 -27.89 27.11
CA CYS C 208 -1.95 -26.47 27.16
C CYS C 208 -0.76 -25.67 27.70
N ASN C 209 -0.29 -24.67 26.97
CA ASN C 209 0.87 -23.85 27.41
C ASN C 209 0.32 -22.52 27.92
N VAL C 210 0.20 -22.36 29.23
CA VAL C 210 -0.38 -21.15 29.86
C VAL C 210 0.77 -20.20 30.19
N ASN C 211 0.60 -18.90 29.90
CA ASN C 211 1.63 -17.88 30.22
C ASN C 211 0.98 -16.77 31.06
N HIS C 212 1.62 -16.35 32.15
CA HIS C 212 1.12 -15.22 32.98
C HIS C 212 2.31 -14.28 33.17
N LYS C 213 2.54 -13.38 32.21
CA LYS C 213 3.71 -12.45 32.23
C LYS C 213 3.70 -11.63 33.52
N PRO C 214 2.57 -11.17 34.08
CA PRO C 214 2.62 -10.35 35.27
C PRO C 214 3.42 -11.04 36.38
N SER C 215 3.29 -12.36 36.54
CA SER C 215 4.03 -13.14 37.57
C SER C 215 5.13 -13.96 36.87
N ASN C 216 5.28 -13.81 35.56
CA ASN C 216 6.27 -14.59 34.77
C ASN C 216 6.05 -16.07 35.11
N THR C 217 4.79 -16.50 35.22
CA THR C 217 4.45 -17.92 35.50
C THR C 217 4.07 -18.59 34.19
N LYS C 218 4.99 -19.36 33.59
CA LYS C 218 4.74 -20.07 32.31
C LYS C 218 4.64 -21.55 32.65
N VAL C 219 3.45 -22.14 32.54
CA VAL C 219 3.22 -23.55 32.95
C VAL C 219 2.60 -24.32 31.79
N ASP C 220 3.09 -25.53 31.49
CA ASP C 220 2.52 -26.41 30.44
C ASP C 220 1.94 -27.62 31.16
N LYS C 221 0.63 -27.87 31.04
CA LYS C 221 -0.04 -28.96 31.79
C LYS C 221 -0.53 -30.03 30.82
N LYS C 222 -0.40 -31.31 31.19
CA LYS C 222 -0.79 -32.44 30.30
C LYS C 222 -2.27 -32.77 30.47
N VAL C 223 -2.97 -33.02 29.36
CA VAL C 223 -4.41 -33.42 29.38
C VAL C 223 -4.50 -34.78 28.66
N GLU C 224 -4.97 -35.82 29.35
CA GLU C 224 -5.08 -37.19 28.78
C GLU C 224 -6.31 -37.88 29.39
N PRO C 225 -6.79 -39.02 28.83
CA PRO C 225 -7.91 -39.75 29.42
C PRO C 225 -7.63 -40.10 30.88
N LYS C 226 -8.63 -39.95 31.75
CA LYS C 226 -8.49 -40.27 33.20
C LYS C 226 -8.81 -41.76 33.39
N SER C 227 -8.51 -42.32 34.56
CA SER C 227 -8.73 -43.77 34.84
C SER C 227 -10.22 -44.07 35.03
N CYS C 228 -10.68 -45.27 34.65
CA CYS C 228 -12.07 -45.67 34.80
C CYS C 228 -13.02 -44.62 34.26
N GLU D 4 25.93 14.49 -50.21
CA GLU D 4 27.22 15.15 -50.38
C GLU D 4 27.47 16.04 -49.16
N VAL D 5 26.45 16.79 -48.76
CA VAL D 5 26.55 17.66 -47.60
C VAL D 5 26.34 16.84 -46.33
N GLN D 6 27.23 17.01 -45.36
CA GLN D 6 27.20 16.22 -44.14
C GLN D 6 27.76 17.02 -42.97
N LEU D 7 27.19 16.82 -41.79
CA LEU D 7 27.73 17.35 -40.53
C LEU D 7 27.89 16.23 -39.53
N VAL D 8 29.08 16.11 -38.93
CA VAL D 8 29.34 15.07 -37.94
C VAL D 8 29.75 15.73 -36.62
N GLU D 9 28.94 15.57 -35.59
CA GLU D 9 29.32 16.03 -34.27
C GLU D 9 30.12 14.95 -33.55
N SER D 10 30.95 15.39 -32.61
CA SER D 10 31.75 14.48 -31.80
C SER D 10 32.16 15.20 -30.52
N GLY D 11 32.76 14.43 -29.61
CA GLY D 11 33.27 14.98 -28.37
C GLY D 11 32.32 14.89 -27.19
N GLY D 12 31.17 14.25 -27.35
CA GLY D 12 30.26 14.07 -26.25
C GLY D 12 30.75 12.97 -25.33
N GLY D 13 30.00 12.74 -24.27
CA GLY D 13 30.37 11.74 -23.30
C GLY D 13 29.83 12.13 -21.93
N LEU D 14 30.42 11.53 -20.91
CA LEU D 14 29.99 11.75 -19.53
C LEU D 14 30.96 12.69 -18.84
N VAL D 15 30.43 13.76 -18.25
CA VAL D 15 31.25 14.71 -17.52
C VAL D 15 30.57 14.98 -16.17
N GLN D 16 31.37 15.24 -15.16
CA GLN D 16 30.86 15.52 -13.83
C GLN D 16 30.28 16.94 -13.74
N PRO D 17 29.32 17.16 -12.85
CA PRO D 17 28.75 18.51 -12.72
C PRO D 17 29.81 19.50 -12.30
N GLY D 18 29.74 20.69 -12.91
CA GLY D 18 30.76 21.70 -12.77
C GLY D 18 31.99 21.52 -13.63
N GLY D 19 32.01 20.48 -14.49
CA GLY D 19 33.13 20.23 -15.35
C GLY D 19 32.90 20.75 -16.77
N SER D 20 33.96 20.71 -17.56
CA SER D 20 33.94 21.25 -18.91
C SER D 20 33.96 20.12 -19.94
N LEU D 21 33.35 20.39 -21.09
CA LEU D 21 33.39 19.51 -22.25
C LEU D 21 33.51 20.39 -23.49
N ARG D 22 34.03 19.82 -24.58
CA ARG D 22 34.14 20.58 -25.83
C ARG D 22 33.64 19.73 -26.99
N LEU D 23 32.55 20.17 -27.60
CA LEU D 23 31.94 19.48 -28.73
C LEU D 23 32.48 20.04 -30.03
N SER D 24 32.62 19.16 -31.01
CA SER D 24 33.08 19.53 -32.35
C SER D 24 32.01 19.14 -33.37
N CYS D 25 31.93 19.92 -34.43
CA CYS D 25 31.03 19.69 -35.55
C CYS D 25 31.84 19.80 -36.83
N ALA D 26 32.25 18.66 -37.37
CA ALA D 26 33.04 18.64 -38.60
C ALA D 26 32.13 18.60 -39.81
N ALA D 27 32.36 19.50 -40.76
CA ALA D 27 31.53 19.63 -41.92
C ALA D 27 32.17 18.98 -43.12
N SER D 28 31.33 18.54 -44.07
CA SER D 28 31.79 18.03 -45.34
C SER D 28 30.79 18.43 -46.41
N GLY D 29 31.27 18.63 -47.63
CA GLY D 29 30.40 19.02 -48.73
C GLY D 29 30.07 20.49 -48.79
N PHE D 30 30.63 21.31 -47.89
CA PHE D 30 30.42 22.75 -47.88
C PHE D 30 31.43 23.39 -46.94
N TYR D 31 31.63 24.70 -47.12
CA TYR D 31 32.53 25.49 -46.29
C TYR D 31 31.70 26.25 -45.27
N ILE D 32 32.04 26.10 -43.98
CA ILE D 32 31.23 26.70 -42.94
C ILE D 32 31.28 28.23 -42.96
N SER D 33 32.27 28.81 -43.63
CA SER D 33 32.41 30.27 -43.65
C SER D 33 31.27 30.94 -44.38
N TYR D 34 30.58 30.22 -45.27
CA TYR D 34 29.51 30.82 -46.05
C TYR D 34 28.14 30.55 -45.46
N SER D 35 28.06 30.03 -44.24
CA SER D 35 26.79 29.64 -43.64
C SER D 35 26.78 29.99 -42.16
N SER D 36 25.58 30.10 -41.61
CA SER D 36 25.41 30.15 -40.17
C SER D 36 25.39 28.75 -39.61
N ILE D 37 26.02 28.56 -38.45
CA ILE D 37 26.08 27.27 -37.79
C ILE D 37 25.35 27.36 -36.46
N HIS D 38 24.48 26.40 -36.19
CA HIS D 38 23.68 26.41 -34.99
C HIS D 38 23.96 25.13 -34.20
N TRP D 39 23.85 25.23 -32.88
CA TRP D 39 23.84 24.09 -31.98
C TRP D 39 22.47 24.05 -31.32
N VAL D 40 21.81 22.89 -31.42
CA VAL D 40 20.51 22.63 -30.82
C VAL D 40 20.61 21.36 -29.99
N ARG D 41 20.13 21.40 -28.75
CA ARG D 41 20.18 20.23 -27.89
C ARG D 41 18.77 19.68 -27.66
N GLN D 42 18.70 18.39 -27.36
CA GLN D 42 17.46 17.68 -27.05
C GLN D 42 17.71 16.81 -25.84
N ALA D 43 17.13 17.19 -24.70
CA ALA D 43 17.22 16.36 -23.53
C ALA D 43 16.45 15.07 -23.76
N PRO D 44 16.91 13.95 -23.17
CA PRO D 44 16.25 12.67 -23.41
C PRO D 44 14.79 12.74 -23.01
N GLY D 45 13.92 12.35 -23.95
CA GLY D 45 12.49 12.41 -23.71
C GLY D 45 11.89 13.79 -23.77
N LYS D 46 12.60 14.78 -24.32
CA LYS D 46 12.12 16.15 -24.37
C LYS D 46 12.29 16.66 -25.80
N GLY D 47 11.80 17.88 -26.03
CA GLY D 47 11.83 18.49 -27.34
C GLY D 47 13.14 19.19 -27.64
N LEU D 48 13.22 19.71 -28.87
CA LEU D 48 14.41 20.43 -29.31
C LEU D 48 14.53 21.75 -28.56
N GLU D 49 15.75 22.15 -28.26
CA GLU D 49 16.03 23.43 -27.62
C GLU D 49 17.20 24.08 -28.33
N TRP D 50 16.97 25.26 -28.92
CA TRP D 50 18.05 26.01 -29.56
C TRP D 50 19.06 26.45 -28.50
N VAL D 51 20.35 26.28 -28.80
CA VAL D 51 21.42 26.52 -27.83
C VAL D 51 22.28 27.71 -28.24
N ALA D 52 22.79 27.70 -29.48
CA ALA D 52 23.72 28.75 -29.86
C ALA D 52 23.81 28.85 -31.38
N SER D 53 24.32 29.99 -31.84
CA SER D 53 24.49 30.22 -33.27
C SER D 53 25.70 31.11 -33.51
N ILE D 54 26.40 30.84 -34.62
CA ILE D 54 27.47 31.69 -35.12
C ILE D 54 27.14 32.11 -36.54
N SER D 55 27.27 33.44 -36.82
CA SER D 55 26.96 34.05 -38.09
C SER D 55 28.16 33.98 -39.02
N PRO D 56 27.93 34.10 -40.33
CA PRO D 56 29.05 34.09 -41.28
C PRO D 56 29.62 35.47 -41.54
N TYR D 57 30.94 35.51 -41.67
CA TYR D 57 31.75 36.65 -42.08
C TYR D 57 31.91 37.67 -40.97
N SER D 58 31.29 37.49 -39.81
CA SER D 58 31.47 38.42 -38.70
C SER D 58 31.92 37.68 -37.46
N GLY D 59 31.51 36.42 -37.33
CA GLY D 59 31.81 35.67 -36.15
C GLY D 59 30.83 35.90 -35.03
N SER D 60 29.79 36.70 -35.28
CA SER D 60 28.81 37.05 -34.26
C SER D 60 28.26 35.79 -33.61
N THR D 61 28.20 35.80 -32.28
CA THR D 61 27.73 34.66 -31.50
C THR D 61 26.45 35.02 -30.76
N TYR D 62 25.46 34.16 -30.84
CA TYR D 62 24.20 34.32 -30.13
C TYR D 62 23.96 33.08 -29.28
N TYR D 63 23.48 33.27 -28.05
CA TYR D 63 23.28 32.17 -27.12
C TYR D 63 21.89 32.25 -26.52
N ALA D 64 21.46 31.14 -25.93
CA ALA D 64 20.18 31.08 -25.23
C ALA D 64 20.42 31.37 -23.75
N ASP D 65 19.37 31.77 -23.05
CA ASP D 65 19.53 32.18 -21.66
C ASP D 65 20.07 31.03 -20.81
N SER D 66 19.63 29.81 -21.11
CA SER D 66 19.99 28.64 -20.32
C SER D 66 21.49 28.38 -20.34
N VAL D 67 22.20 28.92 -21.34
CA VAL D 67 23.61 28.62 -21.57
C VAL D 67 24.46 29.88 -21.56
N LYS D 68 23.87 31.04 -21.35
CA LYS D 68 24.61 32.30 -21.45
C LYS D 68 25.68 32.35 -20.37
N GLY D 69 26.91 32.65 -20.76
CA GLY D 69 27.99 32.76 -19.81
C GLY D 69 28.76 31.48 -19.58
N ARG D 70 28.18 30.33 -19.91
CA ARG D 70 28.79 29.03 -19.66
C ARG D 70 29.15 28.30 -20.94
N PHE D 71 28.67 28.76 -22.08
CA PHE D 71 28.90 28.10 -23.35
C PHE D 71 29.54 29.09 -24.31
N THR D 72 30.45 28.60 -25.13
CA THR D 72 31.08 29.43 -26.16
C THR D 72 31.05 28.68 -27.48
N ILE D 73 30.53 29.33 -28.51
CA ILE D 73 30.49 28.79 -29.86
C ILE D 73 31.60 29.43 -30.69
N SER D 74 32.39 28.60 -31.35
CA SER D 74 33.52 29.08 -32.14
C SER D 74 33.55 28.34 -33.48
N ALA D 75 34.34 28.87 -34.41
CA ALA D 75 34.54 28.22 -35.69
C ALA D 75 36.01 28.26 -36.08
N ASP D 76 36.50 27.16 -36.65
CA ASP D 76 37.86 27.08 -37.16
C ASP D 76 37.71 26.73 -38.64
N THR D 77 37.85 27.76 -39.49
CA THR D 77 37.63 27.58 -40.91
C THR D 77 38.68 26.69 -41.55
N SER D 78 39.92 26.73 -41.06
CA SER D 78 40.97 25.93 -41.68
C SER D 78 40.75 24.44 -41.45
N LYS D 79 40.19 24.07 -40.32
CA LYS D 79 39.74 22.71 -40.10
C LYS D 79 38.27 22.51 -40.43
N ASN D 80 37.59 23.55 -40.93
CA ASN D 80 36.20 23.45 -41.36
C ASN D 80 35.32 22.87 -40.26
N THR D 81 35.53 23.32 -39.02
CA THR D 81 34.88 22.70 -37.88
C THR D 81 34.31 23.74 -36.93
N ALA D 82 33.07 23.52 -36.48
CA ALA D 82 32.50 24.34 -35.42
C ALA D 82 32.74 23.70 -34.06
N TYR D 83 32.67 24.52 -33.00
CA TYR D 83 32.97 24.04 -31.66
C TYR D 83 32.00 24.64 -30.66
N LEU D 84 31.65 23.84 -29.65
CA LEU D 84 30.86 24.33 -28.52
C LEU D 84 31.59 23.97 -27.22
N GLN D 85 32.08 24.98 -26.51
CA GLN D 85 32.74 24.76 -25.24
C GLN D 85 31.76 24.98 -24.10
N MET D 86 31.57 23.97 -23.26
CA MET D 86 30.64 24.01 -22.15
C MET D 86 31.43 23.95 -20.85
N ASN D 87 31.28 24.98 -20.02
CA ASN D 87 31.90 25.00 -18.69
C ASN D 87 30.80 25.02 -17.63
N SER D 88 31.17 24.63 -16.42
CA SER D 88 30.25 24.63 -15.28
C SER D 88 28.96 23.89 -15.64
N LEU D 89 29.11 22.66 -16.13
CA LEU D 89 28.00 21.88 -16.63
C LEU D 89 27.22 21.29 -15.47
N ARG D 90 25.91 21.13 -15.68
CA ARG D 90 25.03 20.57 -14.67
C ARG D 90 24.13 19.54 -15.31
N ALA D 91 23.41 18.80 -14.46
CA ALA D 91 22.64 17.66 -14.93
C ALA D 91 21.66 18.07 -16.02
N GLU D 92 21.09 19.26 -15.91
CA GLU D 92 20.11 19.76 -16.87
C GLU D 92 20.70 19.92 -18.27
N ASP D 93 22.02 19.87 -18.42
CA ASP D 93 22.63 20.01 -19.72
C ASP D 93 22.72 18.68 -20.46
N THR D 94 22.38 17.59 -19.79
CA THR D 94 22.45 16.26 -20.40
C THR D 94 21.47 16.17 -21.56
N ALA D 95 21.99 15.93 -22.75
CA ALA D 95 21.15 15.95 -23.94
C ALA D 95 21.94 15.43 -25.12
N VAL D 96 21.24 15.15 -26.20
CA VAL D 96 21.88 14.93 -27.48
C VAL D 96 22.02 16.28 -28.14
N TYR D 97 23.24 16.62 -28.54
CA TYR D 97 23.53 17.90 -29.17
C TYR D 97 23.73 17.68 -30.67
N TYR D 98 22.89 18.31 -31.48
CA TYR D 98 23.01 18.39 -32.92
C TYR D 98 23.67 19.70 -33.31
N CYS D 99 24.53 19.66 -34.31
CA CYS D 99 24.88 20.88 -35.02
C CYS D 99 24.17 20.89 -36.37
N ALA D 100 23.68 22.07 -36.74
CA ALA D 100 22.91 22.24 -37.95
C ALA D 100 23.46 23.38 -38.78
N ARG D 101 23.43 23.21 -40.10
CA ARG D 101 23.75 24.29 -41.02
C ARG D 101 22.48 25.08 -41.29
N GLN D 102 22.57 26.40 -41.20
CA GLN D 102 21.48 27.22 -41.69
C GLN D 102 21.59 27.31 -43.21
N GLY D 103 20.44 27.27 -43.87
CA GLY D 103 20.44 27.19 -45.31
C GLY D 103 20.64 28.56 -45.93
N TYR D 104 20.84 28.58 -47.25
CA TYR D 104 20.97 29.85 -47.92
C TYR D 104 19.61 30.55 -47.92
N ARG D 105 19.59 31.86 -47.64
CA ARG D 105 18.29 32.51 -47.42
C ARG D 105 17.46 32.47 -48.70
N ARG D 106 18.12 32.62 -49.85
CA ARG D 106 17.41 32.55 -51.13
C ARG D 106 16.87 31.17 -51.41
N ARG D 107 17.56 30.11 -50.99
CA ARG D 107 17.12 28.78 -51.37
C ARG D 107 16.22 28.15 -50.31
N SER D 108 16.53 28.36 -49.03
CA SER D 108 15.88 27.66 -47.93
C SER D 108 15.46 28.62 -46.81
N GLY D 109 15.51 29.93 -47.05
CA GLY D 109 15.19 30.93 -46.02
C GLY D 109 16.12 30.86 -44.84
N ARG D 110 15.57 30.84 -43.63
CA ARG D 110 16.39 30.69 -42.43
C ARG D 110 16.24 29.30 -41.81
N GLY D 111 15.64 28.36 -42.53
CA GLY D 111 15.53 27.02 -42.02
C GLY D 111 16.87 26.34 -41.93
N PHE D 112 16.94 25.35 -41.03
CA PHE D 112 18.14 24.53 -40.89
C PHE D 112 17.99 23.34 -41.83
N ASP D 113 18.77 23.32 -42.90
CA ASP D 113 18.54 22.33 -43.95
C ASP D 113 19.34 21.04 -43.78
N TYR D 114 20.41 21.05 -42.97
CA TYR D 114 21.18 19.83 -42.74
C TYR D 114 21.55 19.71 -41.27
N TRP D 115 21.38 18.51 -40.71
CA TRP D 115 21.71 18.25 -39.32
C TRP D 115 22.71 17.09 -39.21
N GLY D 116 23.37 17.03 -38.06
CA GLY D 116 24.18 15.88 -37.72
C GLY D 116 23.36 14.78 -37.07
N GLN D 117 24.04 13.65 -36.83
CA GLN D 117 23.40 12.56 -36.11
C GLN D 117 23.24 12.86 -34.62
N GLY D 118 23.93 13.86 -34.12
CA GLY D 118 23.91 14.16 -32.70
C GLY D 118 25.03 13.50 -31.92
N THR D 119 25.28 14.01 -30.73
CA THR D 119 26.21 13.39 -29.80
C THR D 119 25.68 13.53 -28.38
N LEU D 120 25.78 12.45 -27.60
CA LEU D 120 25.17 12.43 -26.28
C LEU D 120 26.11 13.01 -25.24
N VAL D 121 25.58 13.88 -24.38
CA VAL D 121 26.31 14.45 -23.26
C VAL D 121 25.54 14.12 -22.00
N THR D 122 26.19 13.41 -21.08
CA THR D 122 25.59 12.98 -19.83
C THR D 122 26.35 13.63 -18.69
N VAL D 123 25.65 14.47 -17.93
CA VAL D 123 26.26 15.12 -16.78
C VAL D 123 25.71 14.41 -15.55
N SER D 124 26.59 13.72 -14.83
CA SER D 124 26.18 12.91 -13.69
C SER D 124 27.43 12.52 -12.93
N SER D 125 27.28 12.37 -11.62
CA SER D 125 28.40 11.97 -10.78
C SER D 125 28.45 10.46 -10.62
N ALA D 126 27.54 9.74 -11.27
CA ALA D 126 27.52 8.29 -11.20
C ALA D 126 28.78 7.71 -11.82
N SER D 127 29.22 6.60 -11.27
CA SER D 127 30.34 5.86 -11.83
C SER D 127 29.84 4.66 -12.63
N THR D 128 30.60 4.27 -13.67
CA THR D 128 30.19 3.15 -14.55
C THR D 128 29.94 1.91 -13.69
N LYS D 129 28.72 1.39 -13.70
CA LYS D 129 28.36 0.17 -12.93
C LYS D 129 27.85 -0.90 -13.89
N GLY D 130 28.14 -2.17 -13.61
CA GLY D 130 27.67 -3.29 -14.45
C GLY D 130 26.24 -3.64 -14.07
N PRO D 131 25.32 -3.85 -15.04
CA PRO D 131 23.92 -4.09 -14.70
C PRO D 131 23.71 -5.37 -13.88
N SER D 132 22.81 -5.33 -12.91
CA SER D 132 22.44 -6.52 -12.10
C SER D 132 21.14 -7.07 -12.68
N VAL D 133 21.20 -8.16 -13.45
CA VAL D 133 20.00 -8.70 -14.15
C VAL D 133 19.30 -9.69 -13.23
N PHE D 134 18.02 -9.48 -12.97
CA PHE D 134 17.20 -10.37 -12.11
C PHE D 134 16.21 -11.10 -13.00
N PRO D 135 15.58 -12.20 -12.55
CA PRO D 135 14.56 -12.88 -13.33
C PRO D 135 13.11 -12.58 -12.94
N LEU D 136 12.25 -12.30 -13.92
CA LEU D 136 10.79 -12.08 -13.68
C LEU D 136 10.11 -13.39 -14.07
N ALA D 137 9.64 -14.18 -13.10
CA ALA D 137 9.11 -15.54 -13.35
C ALA D 137 7.76 -15.51 -14.08
N PRO D 138 7.49 -16.44 -15.01
CA PRO D 138 6.19 -16.51 -15.66
C PRO D 138 5.14 -16.84 -14.60
N SER D 139 3.91 -16.37 -14.77
CA SER D 139 2.84 -16.56 -13.76
C SER D 139 2.80 -18.03 -13.32
N SER D 140 2.85 -18.29 -12.02
CA SER D 140 2.74 -19.67 -11.47
C SER D 140 1.35 -20.19 -11.81
N LYS D 141 0.35 -19.31 -11.76
CA LYS D 141 -1.05 -19.68 -12.11
C LYS D 141 -1.14 -19.68 -13.63
N SER D 142 -2.17 -20.33 -14.19
CA SER D 142 -2.37 -20.40 -15.66
C SER D 142 -2.45 -18.98 -16.21
N THR D 143 -1.80 -18.72 -17.34
CA THR D 143 -1.77 -17.37 -17.97
C THR D 143 -3.15 -17.05 -18.54
N SER D 144 -3.48 -15.77 -18.70
CA SER D 144 -4.76 -15.35 -19.31
C SER D 144 -4.52 -15.17 -20.81
N GLY D 145 -5.24 -15.92 -21.66
CA GLY D 145 -5.10 -15.83 -23.13
C GLY D 145 -4.33 -17.01 -23.68
N GLY D 146 -3.72 -17.84 -22.83
CA GLY D 146 -2.99 -19.04 -23.28
C GLY D 146 -1.54 -18.73 -23.62
N THR D 147 -1.09 -17.49 -23.40
CA THR D 147 0.32 -17.09 -23.60
C THR D 147 0.77 -16.35 -22.35
N ALA D 148 1.84 -16.79 -21.70
CA ALA D 148 2.32 -16.20 -20.43
C ALA D 148 3.48 -15.24 -20.73
N ALA D 149 3.88 -14.43 -19.76
CA ALA D 149 4.97 -13.43 -19.94
C ALA D 149 6.11 -13.74 -18.98
N LEU D 150 7.34 -13.81 -19.48
CA LEU D 150 8.56 -14.04 -18.65
C LEU D 150 9.57 -12.97 -19.07
N GLY D 151 10.24 -12.30 -18.12
CA GLY D 151 11.15 -11.19 -18.44
C GLY D 151 12.36 -11.11 -17.53
N CYS D 152 13.31 -10.22 -17.83
CA CYS D 152 14.50 -9.97 -16.97
C CYS D 152 14.49 -8.48 -16.59
N LEU D 153 15.08 -8.12 -15.45
CA LEU D 153 15.15 -6.72 -14.98
C LEU D 153 16.62 -6.29 -14.98
N VAL D 154 17.01 -5.42 -15.91
CA VAL D 154 18.41 -4.90 -15.99
C VAL D 154 18.44 -3.66 -15.11
N LYS D 155 18.84 -3.79 -13.85
CA LYS D 155 18.71 -2.67 -12.88
C LYS D 155 20.05 -2.17 -12.34
N ASP D 156 20.15 -0.88 -12.04
CA ASP D 156 21.31 -0.27 -11.39
C ASP D 156 22.56 -0.39 -12.26
N TYR D 157 22.44 0.12 -13.49
CA TYR D 157 23.55 0.20 -14.42
C TYR D 157 23.72 1.63 -14.89
N PHE D 158 24.98 2.06 -15.00
CA PHE D 158 25.30 3.34 -15.59
C PHE D 158 26.58 3.10 -16.39
N PRO D 159 26.74 3.76 -17.53
CA PRO D 159 25.79 4.57 -18.29
C PRO D 159 25.06 3.76 -19.35
N GLU D 160 24.33 4.44 -20.22
CA GLU D 160 23.67 3.82 -21.35
C GLU D 160 24.70 3.39 -22.38
N PRO D 161 24.35 2.43 -23.27
CA PRO D 161 23.13 1.65 -23.32
C PRO D 161 23.34 0.22 -22.81
N VAL D 162 22.28 -0.59 -22.83
CA VAL D 162 22.40 -2.04 -22.71
C VAL D 162 21.69 -2.65 -23.92
N THR D 163 22.08 -3.88 -24.24
CA THR D 163 21.44 -4.67 -25.27
C THR D 163 20.88 -5.94 -24.66
N VAL D 164 19.68 -6.33 -25.07
CA VAL D 164 19.02 -7.53 -24.56
C VAL D 164 18.62 -8.39 -25.74
N SER D 165 19.04 -9.65 -25.72
CA SER D 165 18.56 -10.67 -26.64
C SER D 165 17.91 -11.77 -25.81
N TRP D 166 17.12 -12.61 -26.48
CA TRP D 166 16.47 -13.73 -25.83
C TRP D 166 16.86 -15.04 -26.51
N ASN D 167 17.26 -16.03 -25.71
CA ASN D 167 17.72 -17.32 -26.23
C ASN D 167 18.83 -17.10 -27.25
N SER D 168 19.76 -16.20 -26.91
CA SER D 168 20.89 -15.86 -27.78
C SER D 168 20.42 -15.36 -29.13
N GLY D 169 19.32 -14.62 -29.12
CA GLY D 169 18.75 -14.02 -30.31
C GLY D 169 17.85 -14.92 -31.11
N ALA D 170 17.66 -16.18 -30.71
CA ALA D 170 16.73 -17.04 -31.42
C ALA D 170 15.28 -16.58 -31.23
N LEU D 171 14.95 -16.10 -30.02
CA LEU D 171 13.61 -15.62 -29.70
C LEU D 171 13.62 -14.09 -29.86
N THR D 172 13.05 -13.60 -30.96
CA THR D 172 12.95 -12.17 -31.21
C THR D 172 11.53 -11.64 -31.39
N SER D 173 10.55 -12.52 -31.55
CA SER D 173 9.16 -12.13 -31.78
C SER D 173 8.44 -11.95 -30.45
N GLY D 174 7.68 -10.85 -30.33
CA GLY D 174 6.96 -10.60 -29.10
C GLY D 174 7.78 -10.01 -27.97
N VAL D 175 9.05 -9.72 -28.17
CA VAL D 175 9.87 -9.13 -27.12
C VAL D 175 9.71 -7.61 -27.15
N HIS D 176 9.38 -7.04 -25.99
CA HIS D 176 9.36 -5.59 -25.76
C HIS D 176 10.45 -5.27 -24.75
N THR D 177 11.45 -4.52 -25.19
CA THR D 177 12.44 -3.93 -24.29
C THR D 177 11.99 -2.51 -23.97
N PHE D 178 11.74 -2.23 -22.70
CA PHE D 178 11.19 -0.93 -22.31
C PHE D 178 12.29 0.12 -22.22
N PRO D 179 11.93 1.39 -22.42
CA PRO D 179 12.90 2.46 -22.19
C PRO D 179 13.40 2.45 -20.77
N ALA D 180 14.69 2.77 -20.61
CA ALA D 180 15.28 2.87 -19.29
C ALA D 180 14.70 4.06 -18.55
N VAL D 181 14.49 3.91 -17.26
CA VAL D 181 14.07 5.02 -16.40
C VAL D 181 15.18 5.29 -15.40
N LEU D 182 15.50 6.56 -15.25
CA LEU D 182 16.47 7.00 -14.24
C LEU D 182 15.81 7.01 -12.87
N GLN D 183 16.37 6.28 -11.92
CA GLN D 183 15.80 6.25 -10.57
C GLN D 183 16.52 7.29 -9.70
N SER D 184 16.00 7.47 -8.48
CA SER D 184 16.55 8.49 -7.59
C SER D 184 18.02 8.26 -7.30
N SER D 185 18.49 7.01 -7.43
CA SER D 185 19.89 6.67 -7.21
C SER D 185 20.81 7.32 -8.23
N GLY D 186 20.27 7.79 -9.35
CA GLY D 186 21.07 8.18 -10.49
C GLY D 186 21.47 7.05 -11.41
N LEU D 187 21.06 5.82 -11.10
CA LEU D 187 21.30 4.65 -11.94
C LEU D 187 20.06 4.33 -12.77
N TYR D 188 20.28 3.78 -13.95
CA TYR D 188 19.20 3.42 -14.85
C TYR D 188 18.63 2.03 -14.54
N SER D 189 17.40 1.83 -14.96
CA SER D 189 16.74 0.54 -14.85
C SER D 189 15.77 0.38 -16.01
N LEU D 190 15.70 -0.84 -16.54
CA LEU D 190 14.70 -1.18 -17.54
C LEU D 190 14.36 -2.66 -17.39
N SER D 191 13.31 -3.07 -18.08
CA SER D 191 12.91 -4.47 -18.12
C SER D 191 12.62 -4.86 -19.56
N SER D 192 12.95 -6.10 -19.90
CA SER D 192 12.64 -6.69 -21.20
C SER D 192 11.75 -7.90 -20.98
N VAL D 193 10.61 -7.95 -21.68
CA VAL D 193 9.65 -9.01 -21.49
C VAL D 193 9.35 -9.65 -22.84
N VAL D 194 8.97 -10.92 -22.81
CA VAL D 194 8.55 -11.67 -23.98
C VAL D 194 7.33 -12.52 -23.64
N THR D 195 6.42 -12.62 -24.61
CA THR D 195 5.26 -13.50 -24.54
C THR D 195 5.53 -14.78 -25.33
N VAL D 196 5.30 -15.92 -24.68
CA VAL D 196 5.54 -17.26 -25.21
C VAL D 196 4.29 -18.08 -24.96
N PRO D 197 4.05 -19.12 -25.75
CA PRO D 197 2.93 -20.03 -25.44
C PRO D 197 3.11 -20.68 -24.08
N SER D 198 2.01 -20.76 -23.34
CA SER D 198 2.07 -21.30 -21.98
C SER D 198 2.37 -22.78 -21.95
N SER D 199 2.13 -23.50 -23.05
CA SER D 199 2.44 -24.91 -23.10
C SER D 199 3.95 -25.17 -22.98
N SER D 200 4.75 -24.17 -23.32
CA SER D 200 6.20 -24.34 -23.41
C SER D 200 6.92 -23.97 -22.12
N LEU D 201 6.20 -23.54 -21.08
CA LEU D 201 6.87 -22.95 -19.94
C LEU D 201 7.65 -24.00 -19.13
N GLY D 202 7.09 -25.20 -19.00
CA GLY D 202 7.83 -26.27 -18.33
C GLY D 202 8.77 -27.00 -19.26
N THR D 203 8.44 -27.06 -20.54
CA THR D 203 9.22 -27.81 -21.51
C THR D 203 10.43 -27.03 -22.03
N GLN D 204 10.30 -25.71 -22.15
CA GLN D 204 11.28 -24.88 -22.85
C GLN D 204 11.95 -23.93 -21.87
N THR D 205 13.29 -23.86 -21.93
CA THR D 205 14.07 -23.01 -21.06
C THR D 205 14.31 -21.67 -21.76
N TYR D 206 14.03 -20.58 -21.06
CA TYR D 206 14.14 -19.23 -21.60
C TYR D 206 15.29 -18.51 -20.90
N ILE D 207 16.23 -18.01 -21.69
CA ILE D 207 17.38 -17.25 -21.19
C ILE D 207 17.39 -15.88 -21.84
N CYS D 208 17.66 -14.84 -21.04
CA CYS D 208 17.90 -13.50 -21.55
C CYS D 208 19.39 -13.17 -21.46
N ASN D 209 19.92 -12.64 -22.56
CA ASN D 209 21.33 -12.26 -22.67
C ASN D 209 21.40 -10.73 -22.62
N VAL D 210 22.00 -10.20 -21.56
CA VAL D 210 22.14 -8.76 -21.36
C VAL D 210 23.61 -8.41 -21.54
N ASN D 211 23.88 -7.39 -22.35
CA ASN D 211 25.21 -6.89 -22.59
C ASN D 211 25.27 -5.42 -22.24
N HIS D 212 26.27 -5.05 -21.43
CA HIS D 212 26.61 -3.66 -21.09
C HIS D 212 28.10 -3.50 -21.40
N LYS D 213 28.38 -3.10 -22.64
CA LYS D 213 29.76 -2.89 -23.08
C LYS D 213 30.55 -1.89 -22.24
N PRO D 214 30.00 -0.74 -21.83
CA PRO D 214 30.81 0.20 -21.02
C PRO D 214 31.43 -0.42 -19.77
N SER D 215 30.77 -1.39 -19.15
CA SER D 215 31.32 -2.04 -17.97
C SER D 215 31.92 -3.40 -18.29
N ASN D 216 31.87 -3.83 -19.55
CA ASN D 216 32.34 -5.15 -19.97
C ASN D 216 31.55 -6.23 -19.22
N THR D 217 30.23 -6.16 -19.34
CA THR D 217 29.35 -7.08 -18.64
C THR D 217 28.50 -7.86 -19.64
N LYS D 218 28.69 -9.18 -19.68
CA LYS D 218 27.83 -10.09 -20.41
C LYS D 218 27.22 -11.05 -19.40
N VAL D 219 25.89 -11.10 -19.36
CA VAL D 219 25.18 -12.00 -18.45
C VAL D 219 24.09 -12.74 -19.19
N ASP D 220 23.96 -14.03 -18.90
CA ASP D 220 22.89 -14.87 -19.42
C ASP D 220 22.11 -15.34 -18.21
N LYS D 221 20.87 -14.89 -18.09
CA LYS D 221 20.00 -15.20 -16.96
C LYS D 221 18.87 -16.10 -17.42
N LYS D 222 18.67 -17.22 -16.73
CA LYS D 222 17.59 -18.14 -17.06
C LYS D 222 16.36 -17.78 -16.24
N VAL D 223 15.24 -17.57 -16.93
CA VAL D 223 13.97 -17.29 -16.28
C VAL D 223 13.10 -18.53 -16.35
N GLU D 224 12.69 -19.04 -15.19
CA GLU D 224 11.92 -20.26 -15.09
C GLU D 224 10.80 -20.07 -14.07
N PRO D 225 9.70 -20.81 -14.21
CA PRO D 225 8.64 -20.77 -13.21
C PRO D 225 9.16 -21.21 -11.85
N LYS D 226 8.59 -20.62 -10.81
CA LYS D 226 9.03 -20.90 -9.45
C LYS D 226 8.31 -22.14 -8.91
N SER D 227 8.68 -22.52 -7.69
CA SER D 227 8.17 -23.75 -7.10
C SER D 227 6.67 -23.62 -6.87
N CYS D 228 5.97 -24.74 -7.01
CA CYS D 228 4.50 -24.77 -6.96
C CYS D 228 3.81 -23.55 -7.55
N SER E 1 -18.73 23.60 27.56
CA SER E 1 -19.59 22.56 28.19
C SER E 1 -19.41 21.23 27.46
N ASP E 2 -19.36 20.13 28.19
CA ASP E 2 -19.16 18.79 27.59
C ASP E 2 -20.33 18.52 26.65
N ILE E 3 -20.05 18.05 25.43
CA ILE E 3 -21.10 17.70 24.44
C ILE E 3 -21.29 16.19 24.53
N GLN E 4 -22.49 15.72 24.82
CA GLN E 4 -22.74 14.27 25.03
C GLN E 4 -23.34 13.69 23.74
N MET E 5 -22.68 12.71 23.15
CA MET E 5 -23.15 12.06 21.89
C MET E 5 -23.81 10.75 22.31
N THR E 6 -25.13 10.62 22.18
CA THR E 6 -25.86 9.42 22.66
C THR E 6 -26.13 8.48 21.47
N GLN E 7 -25.44 7.33 21.43
CA GLN E 7 -25.59 6.36 20.32
C GLN E 7 -26.85 5.52 20.55
N SER E 8 -27.51 5.08 19.47
CA SER E 8 -28.72 4.21 19.56
C SER E 8 -28.65 3.15 18.45
N PRO E 9 -28.98 1.86 18.67
CA PRO E 9 -29.35 1.31 19.96
C PRO E 9 -28.14 0.72 20.70
N SER E 10 -28.30 0.30 21.94
CA SER E 10 -27.18 -0.27 22.75
C SER E 10 -26.61 -1.47 21.99
N SER E 11 -27.46 -2.34 21.46
CA SER E 11 -27.04 -3.51 20.66
C SER E 11 -28.07 -3.80 19.57
N LEU E 12 -27.66 -4.30 18.41
CA LEU E 12 -28.58 -4.65 17.31
C LEU E 12 -28.13 -5.98 16.70
N SER E 13 -29.06 -6.81 16.24
CA SER E 13 -28.74 -8.12 15.61
C SER E 13 -29.39 -8.20 14.23
N ALA E 14 -28.62 -8.49 13.18
CA ALA E 14 -29.12 -8.64 11.81
C ALA E 14 -28.33 -9.73 11.10
N SER E 15 -28.85 -10.29 10.02
CA SER E 15 -28.17 -11.35 9.23
C SER E 15 -27.43 -10.72 8.06
N VAL E 16 -26.50 -11.46 7.45
CA VAL E 16 -25.75 -10.99 6.26
C VAL E 16 -26.78 -10.57 5.21
N GLY E 17 -26.58 -9.43 4.56
CA GLY E 17 -27.49 -8.94 3.49
C GLY E 17 -28.43 -7.87 4.00
N ASP E 18 -28.49 -7.64 5.31
CA ASP E 18 -29.43 -6.67 5.92
C ASP E 18 -28.83 -5.26 5.89
N ARG E 19 -29.66 -4.22 6.02
CA ARG E 19 -29.20 -2.81 6.06
C ARG E 19 -29.43 -2.32 7.48
N VAL E 20 -28.43 -1.72 8.13
CA VAL E 20 -28.53 -1.31 9.56
C VAL E 20 -28.30 0.20 9.69
N THR E 21 -28.93 0.83 10.68
CA THR E 21 -28.77 2.29 10.94
C THR E 21 -28.47 2.51 12.41
N ILE E 22 -27.40 3.26 12.73
CA ILE E 22 -27.05 3.63 14.13
C ILE E 22 -27.14 5.15 14.17
N THR E 23 -27.52 5.76 15.28
CA THR E 23 -27.71 7.23 15.36
C THR E 23 -27.09 7.81 16.63
N CYS E 24 -26.46 8.96 16.55
CA CYS E 24 -25.90 9.69 17.72
C CYS E 24 -26.63 11.02 17.79
N ARG E 25 -26.81 11.59 18.98
CA ARG E 25 -27.45 12.91 19.15
C ARG E 25 -26.52 13.78 19.97
N ALA E 26 -26.27 15.01 19.52
CA ALA E 26 -25.32 15.91 20.20
C ALA E 26 -26.10 16.91 21.05
N SER E 27 -25.70 17.08 22.30
CA SER E 27 -26.37 18.00 23.24
C SER E 27 -26.37 19.37 22.58
N GLN E 28 -25.29 19.72 21.90
CA GLN E 28 -25.14 21.03 21.21
C GLN E 28 -24.58 20.78 19.82
N SER E 29 -24.54 21.79 18.96
CA SER E 29 -24.05 21.66 17.55
C SER E 29 -22.57 21.25 17.55
N VAL E 30 -22.23 20.25 16.73
CA VAL E 30 -20.82 19.81 16.56
C VAL E 30 -20.50 19.98 15.07
N SER E 31 -21.28 20.77 14.34
CA SER E 31 -21.10 20.97 12.88
C SER E 31 -20.96 19.59 12.24
N SER E 32 -20.03 19.38 11.30
CA SER E 32 -19.79 18.07 10.71
C SER E 32 -18.62 17.34 11.35
N ALA E 33 -18.06 17.87 12.44
CA ALA E 33 -16.83 17.33 12.99
C ALA E 33 -17.14 16.09 13.84
N VAL E 34 -17.56 15.03 13.13
CA VAL E 34 -17.87 13.76 13.77
C VAL E 34 -17.25 12.64 12.95
N ALA E 35 -16.91 11.56 13.64
CA ALA E 35 -16.25 10.42 13.01
C ALA E 35 -16.83 9.13 13.57
N TRP E 36 -16.71 8.06 12.78
CA TRP E 36 -17.18 6.73 13.14
C TRP E 36 -16.07 5.72 12.98
N TYR E 37 -15.96 4.83 13.98
CA TYR E 37 -14.95 3.78 14.00
C TYR E 37 -15.60 2.43 14.31
N GLN E 38 -14.94 1.35 13.88
CA GLN E 38 -15.31 0.00 14.26
C GLN E 38 -14.20 -0.60 15.10
N GLN E 39 -14.58 -1.21 16.22
CA GLN E 39 -13.68 -1.96 17.09
C GLN E 39 -14.17 -3.39 17.17
N LYS E 40 -13.32 -4.34 16.72
CA LYS E 40 -13.57 -5.75 16.92
C LYS E 40 -13.04 -6.18 18.28
N PRO E 41 -13.57 -7.26 18.85
CA PRO E 41 -13.21 -7.62 20.23
C PRO E 41 -11.71 -7.84 20.40
N GLY E 42 -11.16 -7.23 21.45
CA GLY E 42 -9.77 -7.33 21.87
C GLY E 42 -8.75 -6.62 21.01
N LYS E 43 -9.18 -5.72 20.13
CA LYS E 43 -8.31 -5.06 19.17
C LYS E 43 -8.64 -3.57 19.15
N ALA E 44 -7.72 -2.78 18.55
CA ALA E 44 -7.87 -1.33 18.46
C ALA E 44 -8.89 -0.92 17.39
N PRO E 45 -9.55 0.22 17.60
CA PRO E 45 -10.49 0.76 16.62
C PRO E 45 -9.84 1.11 15.30
N LYS E 46 -10.65 1.11 14.26
CA LYS E 46 -10.24 1.46 12.91
C LYS E 46 -11.18 2.54 12.38
N LEU E 47 -10.64 3.46 11.59
CA LEU E 47 -11.42 4.61 11.16
C LEU E 47 -12.32 4.18 10.02
N LEU E 48 -13.59 4.55 10.10
CA LEU E 48 -14.57 4.25 9.07
C LEU E 48 -15.04 5.50 8.34
N ILE E 49 -15.47 6.51 9.07
CA ILE E 49 -16.01 7.72 8.45
C ILE E 49 -15.42 8.90 9.19
N TYR E 50 -15.15 9.99 8.46
CA TYR E 50 -14.65 11.23 9.03
C TYR E 50 -15.46 12.39 8.47
N SER E 51 -15.56 13.45 9.26
CA SER E 51 -16.30 14.66 8.95
C SER E 51 -17.79 14.36 8.79
N ALA E 52 -18.21 13.18 9.25
CA ALA E 52 -19.57 12.67 9.42
C ALA E 52 -20.22 12.29 8.11
N SER E 53 -19.58 12.53 6.98
CA SER E 53 -20.06 12.02 5.70
C SER E 53 -18.99 11.38 4.84
N SER E 54 -17.72 11.56 5.15
CA SER E 54 -16.65 11.21 4.21
C SER E 54 -16.17 9.79 4.45
N LEU E 55 -16.09 9.03 3.36
CA LEU E 55 -15.62 7.65 3.44
C LEU E 55 -14.11 7.64 3.51
N TYR E 56 -13.58 7.06 4.57
CA TYR E 56 -12.13 7.01 4.76
C TYR E 56 -11.50 6.07 3.75
N SER E 57 -10.28 6.38 3.36
CA SER E 57 -9.63 5.66 2.26
C SER E 57 -9.52 4.18 2.60
N GLY E 58 -9.89 3.34 1.63
CA GLY E 58 -9.73 1.91 1.79
C GLY E 58 -10.85 1.21 2.53
N VAL E 59 -11.76 1.95 3.16
CA VAL E 59 -12.90 1.33 3.82
C VAL E 59 -13.98 1.03 2.77
N PRO E 60 -14.74 -0.05 2.93
CA PRO E 60 -15.67 -0.47 1.88
C PRO E 60 -16.76 0.57 1.62
N SER E 61 -17.25 0.58 0.37
CA SER E 61 -18.24 1.55 -0.03
C SER E 61 -19.61 1.28 0.58
N ARG E 62 -19.77 0.20 1.33
CA ARG E 62 -21.06 -0.08 1.96
C ARG E 62 -21.32 0.74 3.23
N PHE E 63 -20.39 1.60 3.64
CA PHE E 63 -20.58 2.46 4.81
C PHE E 63 -20.86 3.89 4.37
N SER E 64 -21.74 4.55 5.10
CA SER E 64 -22.09 5.93 4.80
C SER E 64 -22.54 6.61 6.08
N GLY E 65 -22.52 7.93 6.05
CA GLY E 65 -22.95 8.71 7.20
C GLY E 65 -23.72 9.93 6.75
N SER E 66 -24.63 10.37 7.60
CA SER E 66 -25.47 11.51 7.29
C SER E 66 -25.57 12.42 8.50
N ARG E 67 -25.78 13.71 8.23
CA ARG E 67 -25.96 14.73 9.25
C ARG E 67 -27.32 15.39 9.09
N SER E 68 -28.08 15.45 10.17
CA SER E 68 -29.27 16.30 10.26
C SER E 68 -29.18 16.99 11.61
N GLY E 69 -28.91 18.29 11.58
CA GLY E 69 -28.73 19.03 12.82
C GLY E 69 -27.65 18.40 13.67
N THR E 70 -27.98 18.12 14.93
CA THR E 70 -27.08 17.48 15.88
C THR E 70 -27.17 15.96 15.87
N ASP E 71 -27.93 15.38 14.95
CA ASP E 71 -28.04 13.93 14.84
C ASP E 71 -27.24 13.46 13.64
N PHE E 72 -26.44 12.41 13.87
CA PHE E 72 -25.60 11.82 12.85
C PHE E 72 -25.88 10.33 12.77
N THR E 73 -25.86 9.79 11.57
CA THR E 73 -26.23 8.40 11.37
C THR E 73 -25.15 7.69 10.58
N LEU E 74 -24.91 6.44 10.95
CA LEU E 74 -24.04 5.53 10.23
C LEU E 74 -24.89 4.42 9.64
N THR E 75 -24.66 4.12 8.36
CA THR E 75 -25.49 3.17 7.64
C THR E 75 -24.60 2.18 6.91
N ILE E 76 -24.91 0.90 7.08
CA ILE E 76 -24.28 -0.16 6.30
C ILE E 76 -25.32 -0.73 5.35
N SER E 77 -24.96 -0.81 4.07
CA SER E 77 -25.91 -1.21 3.03
C SER E 77 -26.20 -2.71 3.10
N SER E 78 -25.17 -3.52 3.28
CA SER E 78 -25.33 -4.97 3.35
C SER E 78 -24.26 -5.53 4.27
N LEU E 79 -24.66 -6.12 5.39
CA LEU E 79 -23.70 -6.61 6.42
C LEU E 79 -22.95 -7.83 5.91
N GLN E 80 -21.83 -8.17 6.56
CA GLN E 80 -21.01 -9.35 6.21
C GLN E 80 -20.48 -9.93 7.53
N PRO E 81 -19.94 -11.16 7.55
CA PRO E 81 -19.41 -11.76 8.78
C PRO E 81 -18.29 -10.92 9.40
N GLU E 82 -17.57 -10.13 8.60
CA GLU E 82 -16.41 -9.33 9.10
C GLU E 82 -16.87 -7.93 9.53
N ASP E 83 -18.16 -7.62 9.43
CA ASP E 83 -18.71 -6.30 9.81
C ASP E 83 -19.34 -6.39 11.20
N PHE E 84 -19.34 -7.56 11.82
CA PHE E 84 -20.04 -7.77 13.11
C PHE E 84 -19.08 -7.40 14.25
N ALA E 85 -18.95 -6.11 14.53
CA ALA E 85 -18.07 -5.59 15.61
C ALA E 85 -18.81 -4.43 16.27
N THR E 86 -18.35 -3.93 17.41
CA THR E 86 -18.96 -2.74 18.07
C THR E 86 -18.65 -1.53 17.18
N TYR E 87 -19.53 -0.52 17.14
CA TYR E 87 -19.27 0.72 16.37
C TYR E 87 -19.35 1.90 17.31
N TYR E 88 -18.53 2.92 17.13
CA TYR E 88 -18.49 4.08 17.98
C TYR E 88 -18.53 5.35 17.15
N CYS E 89 -19.15 6.42 17.67
CA CYS E 89 -19.17 7.75 17.00
C CYS E 89 -18.55 8.78 17.95
N GLN E 90 -17.65 9.64 17.47
CA GLN E 90 -16.94 10.63 18.33
C GLN E 90 -17.28 12.05 17.89
N GLN E 91 -17.42 12.99 18.82
CA GLN E 91 -17.61 14.42 18.48
C GLN E 91 -16.26 15.08 18.71
N SER E 92 -15.70 15.70 17.67
CA SER E 92 -14.37 16.33 17.73
C SER E 92 -14.53 17.83 17.49
N TYR E 93 -15.75 18.36 17.56
CA TYR E 93 -16.02 19.79 17.31
C TYR E 93 -15.36 20.62 18.39
N SER E 94 -15.46 20.19 19.65
CA SER E 94 -14.90 20.92 20.81
C SER E 94 -14.31 19.96 21.83
N PHE E 95 -13.44 20.44 22.71
CA PHE E 95 -12.83 19.64 23.78
C PHE E 95 -13.58 19.96 25.08
N PRO E 96 -13.80 19.00 26.00
CA PRO E 96 -13.24 17.66 25.89
C PRO E 96 -14.03 16.84 24.88
N ASN E 97 -13.36 15.98 24.13
CA ASN E 97 -14.03 15.16 23.09
C ASN E 97 -14.89 14.10 23.78
N THR E 98 -15.99 13.71 23.15
CA THR E 98 -16.92 12.71 23.72
C THR E 98 -17.15 11.61 22.69
N PHE E 99 -17.09 10.36 23.11
CA PHE E 99 -17.38 9.19 22.24
C PHE E 99 -18.79 8.71 22.60
N GLY E 100 -19.40 7.88 21.75
CA GLY E 100 -20.72 7.29 22.02
C GLY E 100 -20.57 6.10 22.96
N GLN E 101 -21.67 5.57 23.50
CA GLN E 101 -21.60 4.47 24.48
C GLN E 101 -21.33 3.18 23.70
N GLY E 102 -21.44 3.23 22.37
CA GLY E 102 -21.12 2.08 21.51
C GLY E 102 -22.38 1.36 21.06
N THR E 103 -22.38 0.77 19.86
CA THR E 103 -23.52 -0.03 19.34
C THR E 103 -22.94 -1.31 18.75
N LYS E 104 -23.06 -2.44 19.46
CA LYS E 104 -22.46 -3.71 19.01
C LYS E 104 -23.33 -4.33 17.91
N VAL E 105 -22.72 -4.88 16.87
CA VAL E 105 -23.44 -5.49 15.72
C VAL E 105 -23.04 -6.96 15.65
N GLU E 106 -24.01 -7.88 15.64
CA GLU E 106 -23.75 -9.34 15.61
C GLU E 106 -24.52 -9.97 14.46
N ILE E 107 -24.03 -11.05 13.87
CA ILE E 107 -24.78 -11.77 12.79
C ILE E 107 -25.99 -12.40 13.47
N LYS E 108 -27.06 -12.69 12.74
CA LYS E 108 -28.30 -13.24 13.31
C LYS E 108 -28.55 -14.60 12.67
N ARG E 109 -27.50 -15.40 12.46
CA ARG E 109 -27.61 -16.70 11.74
C ARG E 109 -27.03 -17.87 12.53
N THR E 110 -26.92 -19.06 11.92
CA THR E 110 -26.30 -20.27 12.52
C THR E 110 -27.00 -20.70 13.81
N VAL E 111 -28.33 -20.69 13.84
CA VAL E 111 -29.07 -21.21 15.03
C VAL E 111 -28.57 -22.63 15.27
N ALA E 112 -28.19 -22.97 16.51
CA ALA E 112 -27.62 -24.29 16.83
C ALA E 112 -28.03 -24.71 18.25
N ALA E 113 -27.89 -25.99 18.58
CA ALA E 113 -28.23 -26.52 19.93
C ALA E 113 -26.93 -26.72 20.69
N PRO E 114 -26.91 -26.58 22.03
CA PRO E 114 -25.67 -26.66 22.78
C PRO E 114 -25.14 -28.06 23.08
N SER E 115 -23.89 -28.36 22.70
CA SER E 115 -23.28 -29.63 23.09
C SER E 115 -22.79 -29.46 24.52
N VAL E 116 -23.31 -30.25 25.45
CA VAL E 116 -23.06 -29.99 26.86
C VAL E 116 -22.07 -31.03 27.36
N PHE E 117 -21.03 -30.58 28.04
CA PHE E 117 -20.05 -31.46 28.63
C PHE E 117 -19.80 -31.06 30.07
N ILE E 118 -19.57 -32.02 30.96
CA ILE E 118 -19.27 -31.70 32.34
C ILE E 118 -17.91 -32.32 32.63
N PHE E 119 -17.02 -31.54 33.25
CA PHE E 119 -15.69 -31.99 33.59
C PHE E 119 -15.47 -31.88 35.09
N PRO E 120 -15.03 -32.94 35.76
CA PRO E 120 -14.92 -32.89 37.22
C PRO E 120 -13.62 -32.28 37.70
N PRO E 121 -13.63 -31.82 38.95
CA PRO E 121 -12.47 -31.15 39.57
C PRO E 121 -11.21 -31.99 39.69
N SER E 122 -10.07 -31.33 39.48
CA SER E 122 -8.78 -31.99 39.61
C SER E 122 -8.49 -32.20 41.09
N ASP E 123 -7.69 -33.23 41.40
CA ASP E 123 -7.31 -33.49 42.79
C ASP E 123 -6.53 -32.33 43.40
N GLU E 124 -5.72 -31.64 42.60
CA GLU E 124 -4.87 -30.57 43.10
C GLU E 124 -5.70 -29.46 43.75
N GLN E 125 -6.93 -29.24 43.29
CA GLN E 125 -7.70 -28.15 43.87
C GLN E 125 -8.31 -28.62 45.18
N LEU E 126 -8.51 -29.94 45.33
CA LEU E 126 -9.07 -30.40 46.58
C LEU E 126 -7.97 -30.41 47.62
N LYS E 127 -6.73 -30.59 47.17
CA LYS E 127 -5.59 -30.51 48.06
C LYS E 127 -5.39 -29.08 48.52
N SER E 128 -5.70 -28.11 47.65
CA SER E 128 -5.64 -26.71 48.06
C SER E 128 -6.74 -26.39 49.08
N GLY E 129 -7.91 -27.04 48.95
CA GLY E 129 -9.00 -26.87 49.89
C GLY E 129 -10.24 -26.24 49.28
N THR E 130 -10.28 -26.14 47.96
CA THR E 130 -11.43 -25.65 47.21
C THR E 130 -11.76 -26.64 46.09
N ALA E 131 -13.02 -26.65 45.65
CA ALA E 131 -13.42 -27.49 44.53
C ALA E 131 -14.24 -26.66 43.56
N SER E 132 -13.89 -26.71 42.28
CA SER E 132 -14.64 -26.02 41.24
C SER E 132 -14.96 -27.00 40.13
N VAL E 133 -16.25 -27.11 39.81
CA VAL E 133 -16.74 -27.99 38.77
C VAL E 133 -17.27 -27.17 37.60
N VAL E 134 -16.90 -27.59 36.39
CA VAL E 134 -17.07 -26.76 35.18
C VAL E 134 -17.99 -27.49 34.20
N CYS E 135 -19.00 -26.76 33.72
CA CYS E 135 -19.91 -27.18 32.66
C CYS E 135 -19.65 -26.34 31.41
N LEU E 136 -19.48 -27.01 30.28
CA LEU E 136 -19.25 -26.37 28.98
C LEU E 136 -20.45 -26.56 28.07
N LEU E 137 -20.97 -25.46 27.55
CA LEU E 137 -21.95 -25.52 26.46
C LEU E 137 -21.22 -25.06 25.21
N ASN E 138 -21.13 -25.94 24.23
CA ASN E 138 -20.23 -25.73 23.11
C ASN E 138 -21.06 -25.51 21.84
N ASN E 139 -20.58 -24.58 21.00
CA ASN E 139 -21.08 -24.37 19.63
C ASN E 139 -22.61 -24.26 19.58
N PHE E 140 -23.14 -23.24 20.25
CA PHE E 140 -24.57 -23.02 20.25
C PHE E 140 -24.87 -21.58 19.89
N TYR E 141 -26.09 -21.37 19.41
CA TYR E 141 -26.61 -20.06 19.06
C TYR E 141 -28.09 -20.05 19.44
N PRO E 142 -28.60 -18.91 19.93
CA PRO E 142 -27.87 -17.69 20.32
C PRO E 142 -27.20 -17.78 21.67
N ARG E 143 -26.60 -16.66 22.11
CA ARG E 143 -25.96 -16.60 23.41
C ARG E 143 -26.95 -16.71 24.56
N GLU E 144 -28.25 -16.61 24.29
CA GLU E 144 -29.28 -16.58 25.37
C GLU E 144 -29.57 -18.00 25.86
N ALA E 145 -28.96 -18.41 26.96
CA ALA E 145 -29.19 -19.74 27.58
C ALA E 145 -29.17 -19.58 29.11
N LYS E 146 -29.78 -20.50 29.83
CA LYS E 146 -29.78 -20.48 31.33
C LYS E 146 -29.15 -21.79 31.80
N VAL E 147 -28.22 -21.74 32.76
CA VAL E 147 -27.57 -22.95 33.33
C VAL E 147 -27.88 -23.02 34.82
N GLN E 148 -28.36 -24.15 35.30
CA GLN E 148 -28.70 -24.37 36.73
C GLN E 148 -27.83 -25.53 37.21
N TRP E 149 -27.38 -25.50 38.47
CA TRP E 149 -26.60 -26.64 39.03
C TRP E 149 -27.34 -27.27 40.18
N LYS E 150 -27.58 -28.58 40.11
CA LYS E 150 -28.28 -29.33 41.17
C LYS E 150 -27.29 -30.30 41.83
N VAL E 151 -27.06 -30.18 43.13
CA VAL E 151 -26.16 -31.08 43.90
C VAL E 151 -27.03 -31.89 44.86
N ASP E 152 -27.08 -33.22 44.70
CA ASP E 152 -27.92 -34.09 45.54
C ASP E 152 -29.34 -33.53 45.60
N ASN E 153 -29.90 -33.15 44.44
CA ASN E 153 -31.28 -32.61 44.36
C ASN E 153 -31.39 -31.34 45.19
N ALA E 154 -30.34 -30.51 45.24
CA ALA E 154 -30.34 -29.22 45.96
C ALA E 154 -29.75 -28.14 45.03
N LEU E 155 -30.28 -26.92 45.05
CA LEU E 155 -29.80 -25.82 44.16
C LEU E 155 -29.03 -24.79 44.98
N GLN E 156 -27.79 -24.50 44.58
CA GLN E 156 -26.93 -23.50 45.27
C GLN E 156 -26.73 -22.31 44.34
N SER E 157 -26.90 -21.09 44.84
CA SER E 157 -26.70 -19.85 44.05
C SER E 157 -25.62 -19.01 44.73
N GLY E 158 -24.81 -18.28 43.96
CA GLY E 158 -23.72 -17.45 44.49
C GLY E 158 -22.38 -18.14 44.33
N ASN E 159 -22.38 -19.42 43.93
CA ASN E 159 -21.13 -20.19 43.68
C ASN E 159 -20.92 -20.30 42.17
N SER E 160 -21.86 -19.83 41.35
CA SER E 160 -21.79 -20.00 39.87
C SER E 160 -21.34 -18.71 39.17
N GLN E 161 -20.30 -18.78 38.35
CA GLN E 161 -19.82 -17.63 37.53
C GLN E 161 -19.80 -18.11 36.08
N GLU E 162 -20.39 -17.34 35.16
CA GLU E 162 -20.54 -17.79 33.75
C GLU E 162 -19.66 -16.93 32.83
N SER E 163 -18.98 -17.57 31.87
CA SER E 163 -18.12 -16.87 30.89
C SER E 163 -18.61 -17.24 29.49
N VAL E 164 -18.88 -16.25 28.64
CA VAL E 164 -19.40 -16.49 27.27
C VAL E 164 -18.38 -15.95 26.27
N THR E 165 -18.11 -16.70 25.21
CA THR E 165 -17.13 -16.31 24.18
C THR E 165 -17.81 -15.39 23.17
N GLU E 166 -17.04 -14.70 22.32
CA GLU E 166 -17.60 -13.83 21.26
C GLU E 166 -17.95 -14.73 20.09
N GLN E 167 -18.65 -14.21 19.08
CA GLN E 167 -19.09 -15.01 17.92
C GLN E 167 -17.88 -15.55 17.19
N ASP E 168 -17.93 -16.80 16.75
CA ASP E 168 -16.82 -17.40 15.95
C ASP E 168 -16.84 -16.72 14.58
N SER E 169 -15.70 -16.54 13.95
CA SER E 169 -15.60 -15.84 12.64
C SER E 169 -16.41 -16.61 11.60
N LYS E 170 -16.36 -17.94 11.64
CA LYS E 170 -17.03 -18.79 10.61
C LYS E 170 -18.31 -19.41 11.18
N ASP E 171 -18.24 -20.02 12.37
CA ASP E 171 -19.40 -20.71 12.98
C ASP E 171 -20.44 -19.69 13.43
N SER E 172 -20.04 -18.44 13.68
CA SER E 172 -20.95 -17.40 14.18
C SER E 172 -21.61 -17.97 15.43
N THR E 173 -20.86 -18.77 16.21
CA THR E 173 -21.42 -19.49 17.38
C THR E 173 -20.74 -19.03 18.66
N TYR E 174 -21.38 -19.28 19.81
CA TYR E 174 -20.85 -18.87 21.14
C TYR E 174 -20.57 -20.11 21.97
N SER E 175 -19.86 -19.98 23.09
CA SER E 175 -19.61 -21.09 24.03
C SER E 175 -19.72 -20.55 25.46
N LEU E 176 -20.28 -21.31 26.40
CA LEU E 176 -20.51 -20.85 27.79
C LEU E 176 -19.68 -21.69 28.76
N SER E 177 -19.29 -21.16 29.92
CA SER E 177 -18.55 -21.93 30.94
C SER E 177 -18.94 -21.47 32.34
N SER E 178 -19.77 -22.23 33.05
CA SER E 178 -20.20 -21.89 34.43
C SER E 178 -19.39 -22.75 35.40
N THR E 179 -19.02 -22.21 36.56
CA THR E 179 -18.17 -22.93 37.53
C THR E 179 -18.73 -22.81 38.95
N LEU E 180 -18.83 -23.91 39.70
CA LEU E 180 -19.33 -23.89 41.11
C LEU E 180 -18.16 -23.95 42.06
N THR E 181 -17.90 -22.88 42.82
CA THR E 181 -16.76 -22.83 43.78
C THR E 181 -17.31 -22.93 45.20
N LEU E 182 -16.99 -24.01 45.91
CA LEU E 182 -17.42 -24.23 47.31
C LEU E 182 -16.21 -24.75 48.09
N SER E 183 -16.38 -25.07 49.38
CA SER E 183 -15.29 -25.65 50.21
C SER E 183 -15.03 -27.09 49.76
N LYS E 184 -13.81 -27.60 49.94
CA LYS E 184 -13.48 -29.02 49.64
C LYS E 184 -14.33 -29.89 50.56
N ALA E 185 -14.58 -29.44 51.79
CA ALA E 185 -15.40 -30.17 52.78
C ALA E 185 -16.83 -30.26 52.23
N ASP E 186 -17.33 -29.21 51.59
CA ASP E 186 -18.69 -29.20 50.97
C ASP E 186 -18.65 -30.20 49.80
N TYR E 187 -17.51 -30.30 49.11
CA TYR E 187 -17.35 -31.26 48.00
C TYR E 187 -17.43 -32.67 48.58
N GLU E 188 -16.89 -32.88 49.78
CA GLU E 188 -16.98 -34.19 50.48
C GLU E 188 -18.37 -34.34 51.11
N LYS E 189 -19.04 -33.23 51.45
CA LYS E 189 -20.37 -33.23 52.12
C LYS E 189 -21.45 -33.77 51.18
N HIS E 190 -21.37 -33.48 49.87
CA HIS E 190 -22.36 -33.96 48.86
C HIS E 190 -21.65 -34.85 47.84
N LYS E 191 -22.36 -35.70 47.10
CA LYS E 191 -21.74 -36.65 46.15
C LYS E 191 -22.18 -36.39 44.71
N VAL E 192 -23.47 -36.49 44.38
CA VAL E 192 -23.93 -36.41 42.96
C VAL E 192 -23.91 -34.95 42.50
N TYR E 193 -23.30 -34.66 41.36
CA TYR E 193 -23.26 -33.31 40.79
C TYR E 193 -23.77 -33.33 39.35
N ALA E 194 -24.75 -32.47 39.05
CA ALA E 194 -25.37 -32.41 37.73
C ALA E 194 -25.46 -30.97 37.24
N CYS E 195 -25.30 -30.80 35.93
CA CYS E 195 -25.42 -29.51 35.25
C CYS E 195 -26.58 -29.59 34.26
N GLU E 196 -27.67 -28.87 34.56
CA GLU E 196 -28.86 -28.86 33.72
C GLU E 196 -28.89 -27.60 32.87
N VAL E 197 -29.06 -27.77 31.57
CA VAL E 197 -29.02 -26.67 30.62
C VAL E 197 -30.34 -26.57 29.88
N THR E 198 -30.84 -25.33 29.74
CA THR E 198 -32.00 -25.01 28.94
C THR E 198 -31.52 -24.11 27.79
N HIS E 199 -31.86 -24.49 26.55
CA HIS E 199 -31.53 -23.65 25.40
C HIS E 199 -32.61 -23.78 24.33
N GLN E 200 -32.72 -22.75 23.49
CA GLN E 200 -33.75 -22.72 22.45
C GLN E 200 -33.64 -23.89 21.49
N GLY E 201 -32.44 -24.15 20.98
CA GLY E 201 -32.26 -25.27 20.07
C GLY E 201 -32.43 -26.60 20.79
N LEU E 202 -32.09 -26.63 22.08
CA LEU E 202 -32.14 -27.87 22.84
C LEU E 202 -33.58 -28.40 22.93
N SER E 203 -34.53 -27.51 23.27
CA SER E 203 -35.94 -27.86 23.46
C SER E 203 -36.14 -28.98 24.48
N SER E 204 -35.21 -29.08 25.44
CA SER E 204 -35.23 -30.09 26.47
C SER E 204 -34.37 -29.59 27.62
N PRO E 205 -34.73 -29.84 28.87
CA PRO E 205 -33.83 -29.46 29.97
C PRO E 205 -32.76 -30.53 30.20
N VAL E 206 -31.81 -30.54 29.26
CA VAL E 206 -30.73 -31.55 29.24
C VAL E 206 -29.85 -31.46 30.47
N THR E 207 -29.42 -32.61 30.96
CA THR E 207 -28.63 -32.67 32.18
C THR E 207 -27.44 -33.59 32.01
N LYS E 208 -26.28 -33.16 32.48
CA LYS E 208 -25.07 -33.94 32.32
C LYS E 208 -24.57 -34.10 33.75
N SER E 209 -24.20 -35.32 34.15
CA SER E 209 -23.89 -35.54 35.55
C SER E 209 -22.73 -36.48 35.78
N PHE E 210 -22.27 -36.47 37.04
CA PHE E 210 -21.22 -37.35 37.53
C PHE E 210 -21.48 -37.49 39.03
N ASN E 211 -20.83 -38.47 39.66
CA ASN E 211 -20.92 -38.64 41.10
C ASN E 211 -19.53 -38.55 41.70
N ARG E 212 -19.43 -38.13 42.96
CA ARG E 212 -18.09 -37.96 43.50
C ARG E 212 -17.41 -39.32 43.47
N GLY E 213 -16.10 -39.34 43.29
CA GLY E 213 -15.39 -40.62 43.32
C GLY E 213 -16.01 -41.61 42.36
N GLU E 214 -16.35 -41.19 41.15
CA GLU E 214 -17.03 -42.12 40.25
C GLU E 214 -16.07 -43.04 39.53
N CYS E 215 -14.93 -42.51 39.10
CA CYS E 215 -13.87 -43.30 38.46
C CYS E 215 -12.58 -42.49 38.30
N SER F 1 12.76 41.03 -24.86
CA SER F 1 11.87 39.93 -24.52
C SER F 1 11.95 38.83 -25.57
N ASP F 2 12.13 37.58 -25.12
CA ASP F 2 12.23 36.45 -26.03
C ASP F 2 10.87 36.07 -26.61
N ILE F 3 10.90 35.56 -27.84
CA ILE F 3 9.69 35.14 -28.55
C ILE F 3 9.34 33.72 -28.14
N GLN F 4 8.07 33.48 -27.83
CA GLN F 4 7.60 32.15 -27.49
C GLN F 4 6.80 31.55 -28.64
N MET F 5 7.00 30.27 -28.92
CA MET F 5 6.23 29.54 -29.92
C MET F 5 5.46 28.42 -29.24
N THR F 6 4.14 28.51 -29.29
CA THR F 6 3.22 27.59 -28.61
C THR F 6 2.56 26.71 -29.66
N GLN F 7 2.85 25.41 -29.60
CA GLN F 7 2.41 24.47 -30.62
C GLN F 7 1.25 23.64 -30.09
N SER F 8 0.22 23.47 -30.92
CA SER F 8 -0.94 22.68 -30.58
C SER F 8 -1.35 21.83 -31.76
N PRO F 9 -1.84 20.61 -31.50
CA PRO F 9 -1.96 19.97 -30.18
C PRO F 9 -0.68 19.24 -29.82
N SER F 10 -0.43 18.93 -28.55
CA SER F 10 0.80 18.23 -28.22
C SER F 10 0.81 16.82 -28.82
N SER F 11 -0.35 16.15 -28.85
CA SER F 11 -0.44 14.83 -29.46
C SER F 11 -1.73 14.71 -30.27
N LEU F 12 -1.62 14.05 -31.42
CA LEU F 12 -2.75 13.87 -32.34
C LEU F 12 -2.75 12.43 -32.82
N SER F 13 -3.93 11.82 -32.91
CA SER F 13 -4.07 10.47 -33.43
C SER F 13 -4.82 10.53 -34.74
N ALA F 14 -4.26 9.89 -35.79
CA ALA F 14 -4.87 9.92 -37.10
C ALA F 14 -4.53 8.63 -37.82
N SER F 15 -5.14 8.46 -39.00
CA SER F 15 -4.97 7.27 -39.81
C SER F 15 -4.43 7.64 -41.19
N VAL F 16 -3.91 6.62 -41.88
CA VAL F 16 -3.37 6.83 -43.22
C VAL F 16 -4.43 7.46 -44.11
N GLY F 17 -4.02 8.46 -44.87
CA GLY F 17 -4.91 9.21 -45.74
C GLY F 17 -5.57 10.42 -45.10
N ASP F 18 -5.39 10.63 -43.80
CA ASP F 18 -5.99 11.78 -43.13
C ASP F 18 -5.29 13.08 -43.50
N ARG F 19 -6.06 14.16 -43.53
CA ARG F 19 -5.53 15.51 -43.63
C ARG F 19 -5.27 16.07 -42.24
N VAL F 20 -4.02 16.41 -41.93
CA VAL F 20 -3.66 16.82 -40.57
C VAL F 20 -3.16 18.26 -40.59
N THR F 21 -3.52 19.02 -39.57
CA THR F 21 -3.10 20.40 -39.42
C THR F 21 -2.57 20.60 -38.01
N ILE F 22 -1.38 21.20 -37.90
CA ILE F 22 -0.76 21.56 -36.63
C ILE F 22 -0.48 23.05 -36.62
N THR F 23 -0.83 23.73 -35.51
CA THR F 23 -0.69 25.18 -35.44
C THR F 23 0.38 25.58 -34.42
N CYS F 24 0.98 26.74 -34.67
CA CYS F 24 1.95 27.39 -33.80
C CYS F 24 1.61 28.87 -33.68
N ARG F 25 1.54 29.34 -32.44
CA ARG F 25 1.21 30.73 -32.16
C ARG F 25 2.43 31.40 -31.52
N ALA F 26 2.80 32.57 -32.05
CA ALA F 26 3.94 33.32 -31.59
C ALA F 26 3.47 34.43 -30.65
N SER F 27 4.23 34.67 -29.58
CA SER F 27 3.86 35.74 -28.65
C SER F 27 3.93 37.13 -29.29
N GLN F 28 4.77 37.32 -30.32
CA GLN F 28 4.91 38.59 -31.00
C GLN F 28 5.00 38.31 -32.50
N SER F 29 5.15 39.36 -33.31
CA SER F 29 5.39 39.15 -34.73
C SER F 29 6.72 38.44 -34.97
N VAL F 30 6.69 37.50 -35.92
CA VAL F 30 7.90 36.83 -36.38
C VAL F 30 7.97 36.89 -37.90
N SER F 31 7.15 37.77 -38.50
CA SER F 31 6.99 37.93 -39.95
C SER F 31 6.74 36.53 -40.56
N SER F 32 7.45 36.14 -41.62
CA SER F 32 7.35 34.82 -42.19
C SER F 32 8.55 33.93 -41.83
N ALA F 33 9.38 34.34 -40.88
CA ALA F 33 10.63 33.63 -40.57
C ALA F 33 10.32 32.44 -39.66
N VAL F 34 9.57 31.48 -40.22
CA VAL F 34 9.15 30.28 -39.51
C VAL F 34 9.43 29.06 -40.37
N ALA F 35 9.87 27.98 -39.71
CA ALA F 35 10.23 26.74 -40.38
C ALA F 35 9.58 25.57 -39.64
N TRP F 36 9.30 24.47 -40.34
CA TRP F 36 8.77 23.25 -39.66
C TRP F 36 9.75 22.11 -39.92
N TYR F 37 9.77 21.07 -39.06
CA TYR F 37 10.73 19.94 -39.21
C TYR F 37 10.05 18.64 -38.80
N GLN F 38 10.59 17.48 -39.21
CA GLN F 38 10.07 16.15 -38.80
C GLN F 38 11.20 15.35 -38.15
N GLN F 39 11.05 14.97 -36.88
CA GLN F 39 12.07 14.13 -36.19
C GLN F 39 11.44 12.77 -35.89
N LYS F 40 12.00 11.69 -36.45
CA LYS F 40 11.53 10.31 -36.16
C LYS F 40 12.36 9.86 -34.96
N PRO F 41 11.84 9.03 -34.04
CA PRO F 41 12.55 8.70 -32.80
C PRO F 41 13.98 8.25 -33.07
N GLY F 42 14.92 8.85 -32.33
CA GLY F 42 16.31 8.46 -32.45
C GLY F 42 17.04 9.03 -33.65
N LYS F 43 16.43 9.97 -34.37
CA LYS F 43 16.97 10.46 -35.62
C LYS F 43 16.98 11.98 -35.58
N ALA F 44 17.81 12.57 -36.44
CA ALA F 44 17.89 14.02 -36.49
C ALA F 44 16.66 14.61 -37.19
N PRO F 45 16.29 15.84 -36.85
CA PRO F 45 15.17 16.50 -37.54
C PRO F 45 15.49 16.73 -39.00
N LYS F 46 14.45 16.77 -39.81
CA LYS F 46 14.55 17.02 -41.25
C LYS F 46 13.68 18.22 -41.60
N LEU F 47 14.22 19.11 -42.44
CA LEU F 47 13.52 20.34 -42.77
C LEU F 47 12.34 20.01 -43.68
N LEU F 48 11.17 20.51 -43.30
CA LEU F 48 9.96 20.33 -44.10
C LEU F 48 9.51 21.60 -44.81
N ILE F 49 9.45 22.72 -44.11
CA ILE F 49 8.93 23.95 -44.69
C ILE F 49 9.78 25.12 -44.23
N TYR F 50 10.06 26.06 -45.13
CA TYR F 50 10.81 27.26 -44.80
C TYR F 50 10.03 28.50 -45.22
N SER F 51 10.35 29.61 -44.57
CA SER F 51 9.70 30.90 -44.80
C SER F 51 8.19 30.80 -44.59
N ALA F 52 7.76 29.73 -43.94
CA ALA F 52 6.44 29.44 -43.40
C ALA F 52 5.43 29.09 -44.48
N SER F 53 5.79 29.18 -45.75
CA SER F 53 4.94 28.67 -46.81
C SER F 53 5.70 27.85 -47.85
N SER F 54 7.01 27.89 -47.85
CA SER F 54 7.79 27.34 -48.95
C SER F 54 8.21 25.90 -48.68
N LEU F 55 8.02 25.04 -49.67
CA LEU F 55 8.36 23.63 -49.55
C LEU F 55 9.85 23.42 -49.83
N TYR F 56 10.53 22.76 -48.89
CA TYR F 56 11.96 22.55 -49.03
C TYR F 56 12.25 21.50 -50.09
N SER F 57 13.38 21.67 -50.78
CA SER F 57 13.71 20.83 -51.93
C SER F 57 13.65 19.36 -51.57
N GLY F 58 12.90 18.60 -52.37
CA GLY F 58 12.84 17.18 -52.22
C GLY F 58 11.80 16.68 -51.23
N VAL F 59 11.11 17.60 -50.56
CA VAL F 59 10.07 17.25 -49.54
C VAL F 59 8.78 16.93 -50.30
N PRO F 60 7.97 15.94 -49.84
CA PRO F 60 6.76 15.57 -50.55
C PRO F 60 5.78 16.74 -50.65
N SER F 61 5.02 16.83 -51.73
CA SER F 61 4.05 17.93 -51.98
C SER F 61 2.95 17.94 -50.94
N ARG F 62 2.54 16.78 -50.44
CA ARG F 62 1.39 16.70 -49.50
C ARG F 62 1.62 17.68 -48.35
N PHE F 63 2.87 17.87 -47.95
CA PHE F 63 3.19 18.82 -46.85
C PHE F 63 3.04 20.26 -47.37
N SER F 64 2.36 21.13 -46.60
CA SER F 64 2.16 22.55 -46.96
C SER F 64 2.27 23.40 -45.71
N GLY F 65 2.49 24.71 -45.80
CA GLY F 65 2.51 25.62 -44.67
C GLY F 65 1.75 26.88 -44.99
N SER F 66 1.00 27.37 -44.01
CA SER F 66 0.19 28.56 -44.17
C SER F 66 0.41 29.51 -42.99
N ARG F 67 0.31 30.80 -43.27
CA ARG F 67 0.42 31.83 -42.24
C ARG F 67 -0.86 32.66 -42.17
N SER F 68 -1.38 32.82 -40.96
CA SER F 68 -2.44 33.77 -40.65
C SER F 68 -2.00 34.53 -39.41
N GLY F 69 -1.59 35.78 -39.61
CA GLY F 69 -1.05 36.59 -38.53
C GLY F 69 0.19 35.98 -37.93
N THR F 70 0.16 35.79 -36.62
CA THR F 70 1.25 35.16 -35.89
C THR F 70 1.02 33.66 -35.73
N ASP F 71 -0.01 33.12 -36.37
CA ASP F 71 -0.32 31.70 -36.33
C ASP F 71 0.15 31.04 -37.62
N PHE F 72 0.86 29.93 -37.48
CA PHE F 72 1.37 29.17 -38.62
C PHE F 72 0.88 27.74 -38.53
N THR F 73 0.49 27.18 -39.67
CA THR F 73 -0.04 25.83 -39.69
C THR F 73 0.73 25.01 -40.70
N LEU F 74 0.95 23.75 -40.33
CA LEU F 74 1.51 22.74 -41.22
C LEU F 74 0.41 21.73 -41.51
N THR F 75 0.22 21.43 -42.79
CA THR F 75 -0.88 20.57 -43.22
C THR F 75 -0.35 19.45 -44.11
N ILE F 76 -0.78 18.23 -43.82
CA ILE F 76 -0.53 17.08 -44.68
C ILE F 76 -1.85 16.70 -45.31
N SER F 77 -1.89 16.76 -46.65
CA SER F 77 -3.13 16.54 -47.37
C SER F 77 -3.62 15.11 -47.19
N SER F 78 -2.72 14.13 -47.23
CA SER F 78 -3.08 12.74 -47.05
C SER F 78 -1.92 12.05 -46.35
N LEU F 79 -2.17 11.55 -45.14
CA LEU F 79 -1.12 10.87 -44.39
C LEU F 79 -0.67 9.61 -45.08
N GLN F 80 0.61 9.33 -44.96
CA GLN F 80 1.20 8.09 -45.41
C GLN F 80 1.96 7.47 -44.25
N PRO F 81 2.18 6.15 -44.27
CA PRO F 81 2.77 5.51 -43.09
C PRO F 81 4.09 6.10 -42.68
N GLU F 82 4.89 6.58 -43.64
CA GLU F 82 6.17 7.20 -43.33
C GLU F 82 6.05 8.57 -42.68
N ASP F 83 4.85 9.15 -42.62
CA ASP F 83 4.65 10.51 -42.15
C ASP F 83 4.32 10.61 -40.66
N PHE F 84 4.37 9.49 -39.94
CA PHE F 84 4.07 9.46 -38.51
C PHE F 84 5.35 9.77 -37.76
N ALA F 85 5.43 10.98 -37.20
CA ALA F 85 6.62 11.38 -36.47
C ALA F 85 6.25 12.51 -35.53
N THR F 86 7.26 13.09 -34.90
CA THR F 86 7.06 14.32 -34.15
C THR F 86 7.37 15.48 -35.08
N TYR F 87 6.59 16.54 -34.97
CA TYR F 87 6.77 17.72 -35.80
C TYR F 87 7.00 18.94 -34.93
N TYR F 88 7.95 19.76 -35.36
CA TYR F 88 8.40 20.95 -34.63
C TYR F 88 8.29 22.18 -35.51
N CYS F 89 7.94 23.31 -34.89
CA CYS F 89 7.99 24.61 -35.55
C CYS F 89 9.06 25.45 -34.87
N GLN F 90 9.71 26.30 -35.66
CA GLN F 90 10.80 27.15 -35.20
C GLN F 90 10.63 28.57 -35.76
N GLN F 91 10.87 29.56 -34.91
CA GLN F 91 10.97 30.95 -35.33
C GLN F 91 12.42 31.37 -35.49
N SER F 92 12.70 32.09 -36.58
CA SER F 92 14.04 32.61 -36.84
C SER F 92 13.99 34.10 -37.20
N TYR F 93 12.96 34.80 -36.70
CA TYR F 93 12.84 36.22 -36.97
C TYR F 93 13.85 37.03 -36.15
N SER F 94 14.01 36.67 -34.88
CA SER F 94 14.89 37.38 -33.96
C SER F 94 15.57 36.37 -33.03
N PHE F 95 16.85 36.56 -32.81
CA PHE F 95 17.58 35.74 -31.86
C PHE F 95 17.23 36.13 -30.44
N PRO F 96 17.04 35.15 -29.53
CA PRO F 96 17.38 33.73 -29.62
C PRO F 96 16.31 32.87 -30.29
N ASN F 97 16.65 31.89 -31.13
CA ASN F 97 15.62 31.11 -31.81
C ASN F 97 14.90 30.21 -30.81
N THR F 98 13.61 30.04 -31.04
CA THR F 98 12.77 29.24 -30.17
C THR F 98 12.02 28.21 -31.00
N PHE F 99 11.81 27.02 -30.40
CA PHE F 99 11.12 25.92 -31.04
C PHE F 99 9.81 25.64 -30.32
N GLY F 100 8.86 25.11 -31.08
CA GLY F 100 7.62 24.67 -30.50
C GLY F 100 7.82 23.42 -29.66
N GLN F 101 6.88 23.17 -28.76
CA GLN F 101 7.04 22.06 -27.82
C GLN F 101 6.90 20.71 -28.51
N GLY F 102 6.40 20.67 -29.72
CA GLY F 102 6.34 19.45 -30.51
C GLY F 102 4.94 18.90 -30.60
N THR F 103 4.69 18.14 -31.67
CA THR F 103 3.42 17.45 -31.87
C THR F 103 3.72 16.07 -32.42
N LYS F 104 3.25 15.05 -31.71
CA LYS F 104 3.49 13.67 -32.07
C LYS F 104 2.25 13.16 -32.80
N VAL F 105 2.48 12.54 -33.96
CA VAL F 105 1.41 12.02 -34.80
C VAL F 105 1.43 10.50 -34.73
N GLU F 106 0.34 9.94 -34.21
CA GLU F 106 0.27 8.51 -33.92
C GLU F 106 -0.90 7.88 -34.66
N ILE F 107 -0.77 6.58 -34.89
CA ILE F 107 -1.81 5.81 -35.58
C ILE F 107 -3.04 5.69 -34.70
N LYS F 108 -4.21 5.87 -35.31
CA LYS F 108 -5.47 5.70 -34.60
C LYS F 108 -5.90 4.25 -34.75
N ARG F 109 -6.39 3.68 -33.66
CA ARG F 109 -6.65 2.25 -33.59
C ARG F 109 -7.84 1.97 -32.68
N THR F 110 -8.32 0.74 -32.79
CA THR F 110 -9.42 0.24 -31.98
C THR F 110 -9.02 0.27 -30.51
N VAL F 111 -10.00 0.56 -29.65
CA VAL F 111 -9.72 0.53 -28.23
C VAL F 111 -9.35 -0.90 -27.87
N ALA F 112 -8.20 -1.08 -27.22
CA ALA F 112 -7.74 -2.41 -26.87
C ALA F 112 -7.45 -2.54 -25.38
N ALA F 113 -7.98 -3.57 -24.79
CA ALA F 113 -7.75 -3.76 -23.37
C ALA F 113 -6.33 -4.27 -23.11
N PRO F 114 -5.67 -3.80 -22.05
CA PRO F 114 -4.35 -4.32 -21.70
C PRO F 114 -4.42 -5.73 -21.14
N SER F 115 -3.45 -6.56 -21.49
CA SER F 115 -3.32 -7.84 -20.80
C SER F 115 -2.35 -7.60 -19.66
N VAL F 116 -2.77 -7.88 -18.42
CA VAL F 116 -2.02 -7.45 -17.26
C VAL F 116 -1.37 -8.66 -16.59
N PHE F 117 -0.08 -8.53 -16.28
CA PHE F 117 0.67 -9.56 -15.58
C PHE F 117 1.38 -8.92 -14.41
N ILE F 118 1.63 -9.69 -13.35
CA ILE F 118 2.36 -9.19 -12.20
C ILE F 118 3.51 -10.14 -11.89
N PHE F 119 4.70 -9.57 -11.69
CA PHE F 119 5.91 -10.33 -11.41
C PHE F 119 6.41 -9.99 -10.02
N PRO F 120 6.45 -10.94 -9.10
CA PRO F 120 6.97 -10.71 -7.75
C PRO F 120 8.48 -10.55 -7.77
N PRO F 121 9.06 -9.92 -6.74
CA PRO F 121 10.51 -9.82 -6.67
C PRO F 121 11.20 -11.17 -6.75
N SER F 122 12.34 -11.19 -7.42
CA SER F 122 13.13 -12.40 -7.51
C SER F 122 13.87 -12.60 -6.19
N ASP F 123 14.29 -13.84 -5.94
CA ASP F 123 14.99 -14.12 -4.69
C ASP F 123 16.39 -13.52 -4.72
N GLU F 124 17.03 -13.52 -5.89
CA GLU F 124 18.34 -12.88 -6.00
C GLU F 124 18.28 -11.42 -5.58
N GLN F 125 17.22 -10.71 -5.99
CA GLN F 125 17.11 -9.30 -5.62
C GLN F 125 16.88 -9.13 -4.13
N LEU F 126 16.07 -9.99 -3.51
CA LEU F 126 15.88 -9.90 -2.08
C LEU F 126 17.16 -10.23 -1.31
N LYS F 127 18.00 -11.12 -1.85
CA LYS F 127 19.33 -11.35 -1.28
C LYS F 127 20.22 -10.13 -1.48
N SER F 128 19.99 -9.38 -2.56
CA SER F 128 20.76 -8.16 -2.78
C SER F 128 20.35 -7.05 -1.82
N GLY F 129 19.13 -7.09 -1.30
CA GLY F 129 18.66 -6.13 -0.33
C GLY F 129 17.61 -5.13 -0.80
N THR F 130 17.06 -5.31 -2.00
CA THR F 130 16.00 -4.47 -2.52
C THR F 130 14.91 -5.38 -3.07
N ALA F 131 13.69 -4.86 -3.16
CA ALA F 131 12.57 -5.61 -3.73
C ALA F 131 11.93 -4.75 -4.81
N SER F 132 11.72 -5.33 -5.98
CA SER F 132 10.99 -4.66 -7.05
C SER F 132 9.88 -5.54 -7.56
N VAL F 133 8.68 -4.98 -7.67
CA VAL F 133 7.50 -5.71 -8.15
C VAL F 133 7.09 -5.08 -9.46
N VAL F 134 6.97 -5.88 -10.51
CA VAL F 134 6.74 -5.34 -11.84
C VAL F 134 5.36 -5.70 -12.36
N CYS F 135 4.58 -4.70 -12.73
CA CYS F 135 3.31 -4.91 -13.40
C CYS F 135 3.56 -4.68 -14.89
N LEU F 136 3.01 -5.54 -15.73
CA LEU F 136 3.09 -5.37 -17.18
C LEU F 136 1.68 -5.25 -17.76
N LEU F 137 1.44 -4.16 -18.49
CA LEU F 137 0.24 -3.95 -19.28
C LEU F 137 0.62 -4.08 -20.75
N ASN F 138 0.07 -5.09 -21.43
CA ASN F 138 0.56 -5.47 -22.75
C ASN F 138 -0.49 -5.16 -23.81
N ASN F 139 0.00 -4.64 -24.94
CA ASN F 139 -0.74 -4.49 -26.20
C ASN F 139 -2.10 -3.81 -26.01
N PHE F 140 -2.05 -2.56 -25.55
CA PHE F 140 -3.27 -1.80 -25.34
C PHE F 140 -3.20 -0.47 -26.10
N TYR F 141 -4.39 0.06 -26.41
CA TYR F 141 -4.63 1.34 -27.06
C TYR F 141 -5.92 1.90 -26.48
N PRO F 142 -6.00 3.22 -26.23
CA PRO F 142 -4.95 4.23 -26.40
C PRO F 142 -3.91 4.21 -25.30
N ARG F 143 -2.93 5.11 -25.36
CA ARG F 143 -1.79 5.13 -24.40
C ARG F 143 -2.24 5.64 -23.03
N GLU F 144 -3.49 6.07 -22.89
CA GLU F 144 -3.95 6.67 -21.61
C GLU F 144 -4.40 5.53 -20.69
N ALA F 145 -3.61 5.20 -19.68
CA ALA F 145 -3.91 4.14 -18.71
C ALA F 145 -3.42 4.55 -17.33
N LYS F 146 -3.96 3.96 -16.27
CA LYS F 146 -3.55 4.26 -14.88
C LYS F 146 -3.20 2.95 -14.16
N VAL F 147 -2.20 2.96 -13.28
CA VAL F 147 -1.84 1.77 -12.46
C VAL F 147 -1.86 2.20 -11.00
N GLN F 148 -2.59 1.51 -10.14
CA GLN F 148 -2.67 1.82 -8.69
C GLN F 148 -2.12 0.64 -7.89
N TRP F 149 -0.91 0.77 -7.37
CA TRP F 149 -0.27 -0.30 -6.57
C TRP F 149 -0.96 -0.36 -5.22
N LYS F 150 -1.18 -1.56 -4.67
CA LYS F 150 -1.82 -1.72 -3.34
C LYS F 150 -1.06 -2.75 -2.51
N VAL F 151 -0.36 -2.32 -1.46
CA VAL F 151 0.35 -3.26 -0.55
C VAL F 151 -0.60 -3.57 0.60
N ASP F 152 -1.11 -4.81 0.67
CA ASP F 152 -2.08 -5.23 1.67
C ASP F 152 -3.38 -4.44 1.52
N ASN F 153 -3.79 -4.26 0.26
CA ASN F 153 -4.94 -3.45 -0.13
C ASN F 153 -4.83 -1.98 0.32
N ALA F 154 -3.61 -1.51 0.51
CA ALA F 154 -3.27 -0.12 0.86
C ALA F 154 -2.61 0.58 -0.32
N LEU F 155 -3.22 1.67 -0.80
CA LEU F 155 -2.68 2.40 -1.94
C LEU F 155 -1.31 3.01 -1.66
N GLN F 156 -0.37 2.79 -2.59
CA GLN F 156 0.99 3.27 -2.49
C GLN F 156 1.22 4.41 -3.48
N SER F 157 1.86 5.48 -3.04
CA SER F 157 2.16 6.63 -3.90
C SER F 157 3.63 7.05 -3.81
N GLY F 158 4.24 7.33 -4.96
CA GLY F 158 5.59 7.86 -5.01
C GLY F 158 6.70 6.85 -4.97
N ASN F 159 6.37 5.56 -4.96
CA ASN F 159 7.35 4.48 -4.95
C ASN F 159 7.28 3.66 -6.24
N SER F 160 6.52 4.14 -7.22
CA SER F 160 6.27 3.46 -8.49
C SER F 160 6.76 4.32 -9.65
N GLN F 161 7.52 3.70 -10.57
CA GLN F 161 7.98 4.36 -11.79
C GLN F 161 7.42 3.64 -13.01
N GLU F 162 6.98 4.40 -14.02
CA GLU F 162 6.36 3.80 -15.20
C GLU F 162 7.21 4.04 -16.45
N SER F 163 7.12 3.10 -17.40
CA SER F 163 7.77 3.21 -18.70
C SER F 163 6.85 2.68 -19.79
N VAL F 164 6.74 3.40 -20.90
CA VAL F 164 5.81 2.99 -22.01
C VAL F 164 6.61 2.84 -23.29
N THR F 165 6.24 1.89 -24.15
CA THR F 165 6.94 1.62 -25.42
C THR F 165 6.33 2.47 -26.53
N GLU F 166 7.04 2.66 -27.64
CA GLU F 166 6.52 3.40 -28.80
C GLU F 166 5.51 2.49 -29.48
N GLN F 167 4.57 3.05 -30.23
CA GLN F 167 3.50 2.27 -30.89
C GLN F 167 4.15 1.17 -31.73
N ASP F 168 3.60 -0.04 -31.71
CA ASP F 168 4.20 -1.19 -32.44
C ASP F 168 3.96 -0.98 -33.93
N SER F 169 4.90 -1.44 -34.76
CA SER F 169 4.81 -1.28 -36.23
C SER F 169 3.62 -2.08 -36.76
N LYS F 170 3.33 -3.25 -36.17
CA LYS F 170 2.29 -4.16 -36.70
C LYS F 170 0.95 -4.02 -35.97
N ASP F 171 0.95 -4.01 -34.64
CA ASP F 171 -0.32 -4.01 -33.86
C ASP F 171 -0.74 -2.57 -33.55
N SER F 172 0.15 -1.60 -33.71
CA SER F 172 -0.14 -0.18 -33.45
C SER F 172 -0.73 -0.03 -32.05
N THR F 173 -0.16 -0.70 -31.05
CA THR F 173 -0.59 -0.59 -29.63
C THR F 173 0.64 -0.27 -28.77
N TYR F 174 0.42 0.25 -27.56
CA TYR F 174 1.51 0.63 -26.64
C TYR F 174 1.52 -0.30 -25.45
N SER F 175 2.68 -0.70 -24.95
CA SER F 175 2.81 -1.55 -23.74
C SER F 175 3.43 -0.70 -22.63
N LEU F 176 3.05 -0.94 -21.37
CA LEU F 176 3.54 -0.19 -20.22
C LEU F 176 4.04 -1.12 -19.14
N SER F 177 5.14 -0.75 -18.49
CA SER F 177 5.68 -1.47 -17.35
C SER F 177 5.68 -0.52 -16.16
N SER F 178 5.16 -0.97 -15.02
CA SER F 178 5.21 -0.19 -13.79
C SER F 178 6.02 -0.94 -12.76
N THR F 179 7.04 -0.31 -12.22
CA THR F 179 7.92 -0.93 -11.24
C THR F 179 7.76 -0.28 -9.88
N LEU F 180 7.49 -1.10 -8.86
CA LEU F 180 7.37 -0.63 -7.49
C LEU F 180 8.61 -1.06 -6.73
N THR F 181 9.41 -0.12 -6.23
CA THR F 181 10.68 -0.43 -5.56
C THR F 181 10.52 -0.16 -4.06
N LEU F 182 10.52 -1.22 -3.25
CA LEU F 182 10.33 -1.11 -1.78
C LEU F 182 11.56 -1.71 -1.09
N SER F 183 11.83 -1.35 0.16
CA SER F 183 12.98 -1.90 0.91
C SER F 183 12.69 -3.39 1.15
N LYS F 184 13.71 -4.23 1.17
CA LYS F 184 13.52 -5.69 1.30
C LYS F 184 12.72 -5.95 2.58
N ALA F 185 13.00 -5.21 3.65
CA ALA F 185 12.29 -5.36 4.94
C ALA F 185 10.83 -4.97 4.76
N ASP F 186 10.55 -3.87 4.07
CA ASP F 186 9.17 -3.38 3.86
C ASP F 186 8.44 -4.40 2.98
N TYR F 187 9.14 -4.95 2.00
CA TYR F 187 8.55 -5.98 1.11
C TYR F 187 8.23 -7.19 1.95
N GLU F 188 8.93 -7.38 3.06
CA GLU F 188 8.75 -8.57 3.93
C GLU F 188 7.79 -8.27 5.09
N LYS F 189 7.23 -7.06 5.14
CA LYS F 189 6.28 -6.65 6.22
C LYS F 189 4.84 -6.71 5.72
N HIS F 190 4.61 -7.03 4.44
CA HIS F 190 3.24 -6.97 3.86
C HIS F 190 2.92 -8.24 3.08
N LYS F 191 1.74 -8.80 3.26
CA LYS F 191 1.39 -10.11 2.64
C LYS F 191 0.66 -9.98 1.30
N VAL F 192 0.14 -8.81 0.89
CA VAL F 192 -0.63 -8.77 -0.35
C VAL F 192 -0.14 -7.62 -1.22
N TYR F 193 0.20 -7.91 -2.48
CA TYR F 193 0.59 -6.89 -3.44
C TYR F 193 -0.26 -7.05 -4.68
N ALA F 194 -0.91 -5.96 -5.12
CA ALA F 194 -1.83 -5.99 -6.28
C ALA F 194 -1.50 -4.89 -7.29
N CYS F 195 -1.89 -5.05 -8.56
CA CYS F 195 -1.71 -4.03 -9.61
C CYS F 195 -3.10 -3.75 -10.21
N GLU F 196 -3.64 -2.54 -10.06
CA GLU F 196 -5.02 -2.22 -10.52
C GLU F 196 -4.96 -1.33 -11.77
N VAL F 197 -5.44 -1.82 -12.90
CA VAL F 197 -5.34 -1.06 -14.17
C VAL F 197 -6.71 -0.54 -14.56
N THR F 198 -6.85 0.76 -14.80
CA THR F 198 -8.10 1.38 -15.27
C THR F 198 -7.83 1.95 -16.65
N HIS F 199 -8.39 1.35 -17.69
CA HIS F 199 -8.17 1.78 -19.10
C HIS F 199 -9.54 1.83 -19.79
N GLN F 200 -9.67 2.59 -20.87
CA GLN F 200 -10.96 2.76 -21.58
C GLN F 200 -11.51 1.40 -21.98
N GLY F 201 -10.68 0.53 -22.55
CA GLY F 201 -11.06 -0.84 -22.96
C GLY F 201 -11.55 -1.66 -21.78
N LEU F 202 -11.07 -1.37 -20.57
CA LEU F 202 -11.45 -2.11 -19.35
C LEU F 202 -12.74 -1.50 -18.78
N SER F 203 -13.87 -2.20 -18.88
CA SER F 203 -15.18 -1.72 -18.39
C SER F 203 -15.07 -1.54 -16.88
N SER F 204 -14.30 -2.37 -16.20
CA SER F 204 -14.06 -2.26 -14.73
C SER F 204 -12.56 -2.31 -14.47
N PRO F 205 -12.05 -1.80 -13.33
CA PRO F 205 -10.63 -1.92 -13.04
C PRO F 205 -10.28 -3.41 -13.01
N VAL F 206 -9.17 -3.81 -13.64
CA VAL F 206 -8.73 -5.24 -13.71
C VAL F 206 -7.50 -5.37 -12.84
N THR F 207 -7.56 -6.14 -11.75
CA THR F 207 -6.44 -6.24 -10.79
C THR F 207 -5.81 -7.63 -10.80
N LYS F 208 -4.48 -7.72 -10.90
CA LYS F 208 -3.75 -9.01 -10.83
C LYS F 208 -2.82 -8.90 -9.62
N SER F 209 -2.96 -9.78 -8.63
CA SER F 209 -2.20 -9.68 -7.36
C SER F 209 -1.57 -11.01 -6.94
N PHE F 210 -0.55 -10.96 -6.07
CA PHE F 210 0.11 -12.16 -5.50
C PHE F 210 0.22 -11.92 -4.00
N ASN F 211 0.80 -12.84 -3.24
CA ASN F 211 1.03 -12.65 -1.78
C ASN F 211 2.52 -12.88 -1.49
N ARG F 212 3.03 -12.31 -0.40
CA ARG F 212 4.44 -12.48 0.00
C ARG F 212 4.67 -13.91 0.47
N GLY F 213 5.61 -14.64 -0.12
CA GLY F 213 5.98 -15.99 0.36
C GLY F 213 5.12 -17.09 -0.20
N GLU F 214 4.31 -16.82 -1.23
CA GLU F 214 3.43 -17.85 -1.84
C GLU F 214 3.99 -18.25 -3.21
N CYS F 215 4.08 -19.55 -3.50
CA CYS F 215 4.65 -20.07 -4.77
C CYS F 215 5.31 -18.93 -5.56
MG MG G . 28.25 82.59 -41.05
MG MG H . 23.32 84.82 -55.12
MG MG I . 16.48 90.23 -44.59
C1 PRL J . 21.44 95.04 -48.29
C2 PRL J . 20.18 94.80 -48.70
C3 PRL J . 19.91 93.79 -49.68
C4 PRL J . 20.92 93.03 -50.25
C5 PRL J . 25.45 91.96 -50.52
C6 PRL J . 26.76 92.21 -50.11
C7 PRL J . 27.07 93.19 -49.14
C8 PRL J . 26.11 93.94 -48.59
C9 PRL J . 23.77 94.52 -48.43
N10 PRL J . 23.20 92.54 -50.34
C11 PRL J . 22.20 93.29 -49.81
C12 PRL J . 24.77 93.74 -48.98
C13 PRL J . 22.48 94.28 -48.84
C14 PRL J . 24.48 92.76 -49.95
N15 PRL J . 18.66 93.57 -50.09
N16 PRL J . 27.76 91.46 -50.64
MG MG K . -4.97 65.35 12.93
MG MG L . -15.29 64.25 0.58
MG MG M . -12.46 64.91 17.27
C1 PRL N . -15.19 76.40 6.64
C2 PRL N . -16.52 76.29 6.80
C3 PRL N . -17.22 75.22 6.16
C4 PRL N . -16.58 74.27 5.36
C5 PRL N . -12.65 72.62 3.48
C6 PRL N . -11.29 72.73 3.32
C7 PRL N . -10.52 73.76 3.92
C8 PRL N . -11.13 74.69 4.70
C9 PRL N . -13.14 75.56 5.67
N10 PRL N . -14.59 73.50 4.45
C11 PRL N . -15.23 74.42 5.22
C12 PRL N . -12.51 74.62 4.89
C13 PRL N . -14.49 75.45 5.84
C14 PRL N . -13.25 73.59 4.27
N15 PRL N . -18.56 75.11 6.31
N16 PRL N . -10.64 71.82 2.53
#